data_7K6O
#
_entry.id   7K6O
#
_cell.length_a   57.92
_cell.length_b   135.777
_cell.length_c   141.126
_cell.angle_alpha   90
_cell.angle_beta   90
_cell.angle_gamma   90
#
_symmetry.space_group_name_H-M   'P 21 21 21'
#
loop_
_entity.id
_entity.type
_entity.pdbx_description
1 polymer 'Phosphatidylinositol 4,5-bisphosphate 3-kinase catalytic subunit alpha isoform'
2 non-polymer (3S)-3-[4-(2-aminopyrimidin-5-yl)-2-(morpholin-4-yl)-5,6-dihydro-7H-pyrrolo[2,3-d]pyrimidin-7-yl]-N-methylpyrrolidine-1-sulfonamide
3 water water
#
_entity_poly.entity_id   1
_entity_poly.type   'polypeptide(L)'
_entity_poly.pdbx_seq_one_letter_code
;GSVGNREEKILNREIGFAIGMPVCEFDMVKDPEVQDFRRNILNVCKEAVDLRDLNSPHSRAMYVYPPNVESSPELPKHIY
NKLDKGQIIVVIWVIVSPNNDKQKYTLKINHDCVPEQVIAEAIRKKTRSMLLSSEQLKLCVLEYQGKYILKVCGCDEYFL
EKYPLSQYKYIRSCIMLGRMPNLMLMAKESLYSQLPMDCFTMPSYSRRISTATPYMNGETSTKSLWVINSALRIKILCAT
YVNVNIRDIDKIYVRTGIYHGGEPLCDNVNTQRVPCSNPRWNEWLNYDIYIPDLPRAARLCLSICSVKGRKGAKEEHCPL
AWGNINLFDYTDTLVSGKMALNLWPVPHGLEDLLNPIGVTGSNPNKETPCLELEFDWFSSVVKFPDMSVIEEHANWSVSR
EAGFSYSHAGLSNRLARDNELRENDKEQLKAISTRDPLSEITEQEKDFLWSHRHYCVTIPEILPKLLLSVKWNSRDEVAQ
MYCLVKDWPPIKPEQAMELLDCNYPDPMVRGFAVRCLEKYLTDDKLSQYLIQLVQVLKYEQYLDNLLVRFLLKKALTNQR
IGHFFFWHLKSEMHNKTVSQRFGLLLESYCRACGMYLKHLNRQVEAMEKLINLTDILKQEKKDETQKVQMKFLVEQMRRP
DFMDALQGFLSPLNPAHQLGNLRLEECRIMSSAKRPLWLNWENPDIMSELLFQNNEIIFKNGDDLRQDMLTLQIIRIMEN
IWQNQGLDLRMLPYGCLSIGDCVGLIEVVRNSHTIMQIQCKGGLKGALQFNSHTLHQWLKDKNKGEIYDAAIDLFTRSCA
GYCVATFILGIGDRHNSNIMVKDDGQLFHIDFGHFLDHKKKKFGYKRERVPFVLTQDFLIVISKGAQECTKTREFERFQE
MCYKAYLAIRQHANLFINLFSMMLGSGMPELQSFDDIAYIRKTLALDKTEQEALEYFMKQMNDAHH
;
_entity_poly.pdbx_strand_id   A
#
loop_
_chem_comp.id
_chem_comp.type
_chem_comp.name
_chem_comp.formula
VY1 non-polymer (3S)-3-[4-(2-aminopyrimidin-5-yl)-2-(morpholin-4-yl)-5,6-dihydro-7H-pyrrolo[2,3-d]pyrimidin-7-yl]-N-methylpyrrolidine-1-sulfonamide 'C19 H27 N9 O3 S'
#
# COMPACT_ATOMS: atom_id res chain seq x y z
N GLU A 7 17.56 15.89 26.78
CA GLU A 7 17.51 14.52 27.26
C GLU A 7 16.31 13.79 26.57
N GLU A 8 15.17 13.60 27.26
CA GLU A 8 13.94 13.08 26.69
C GLU A 8 13.22 14.23 25.93
N LYS A 9 13.42 15.50 26.37
CA LYS A 9 12.85 16.66 25.71
C LYS A 9 13.39 16.83 24.29
N ILE A 10 14.66 16.38 24.05
CA ILE A 10 15.28 16.45 22.72
C ILE A 10 14.62 15.43 21.80
N LEU A 11 14.44 14.20 22.32
CA LEU A 11 13.80 13.13 21.56
C LEU A 11 12.36 13.50 21.22
N ASN A 12 11.61 14.03 22.20
CA ASN A 12 10.22 14.44 21.96
C ASN A 12 10.08 15.60 20.97
N ARG A 13 11.09 16.46 20.90
CA ARG A 13 11.06 17.57 19.95
C ARG A 13 11.29 17.05 18.52
N GLU A 14 12.15 16.03 18.38
CA GLU A 14 12.45 15.43 17.09
C GLU A 14 11.26 14.59 16.62
N ILE A 15 10.63 13.84 17.54
CA ILE A 15 9.42 13.08 17.23
C ILE A 15 8.30 14.05 16.76
N GLY A 16 8.09 15.13 17.50
CA GLY A 16 7.10 16.15 17.17
C GLY A 16 7.27 16.77 15.80
N PHE A 17 8.52 17.04 15.39
CA PHE A 17 8.78 17.60 14.08
C PHE A 17 8.49 16.55 12.98
N ALA A 18 8.79 15.27 13.25
CA ALA A 18 8.58 14.16 12.32
C ALA A 18 7.11 13.92 12.05
N ILE A 19 6.27 13.93 13.12
CA ILE A 19 4.82 13.72 12.98
C ILE A 19 4.11 14.97 12.45
N GLY A 20 4.60 16.13 12.83
CA GLY A 20 3.97 17.39 12.50
C GLY A 20 3.07 17.92 13.62
N MET A 21 3.11 17.26 14.79
CA MET A 21 2.36 17.65 15.97
C MET A 21 3.16 17.33 17.23
N PRO A 22 3.13 18.23 18.23
CA PRO A 22 3.92 17.97 19.45
C PRO A 22 3.43 16.77 20.22
N VAL A 23 4.36 16.02 20.81
CA VAL A 23 4.12 14.83 21.63
C VAL A 23 3.26 15.16 22.86
N CYS A 24 3.40 16.39 23.41
CA CYS A 24 2.61 16.81 24.57
C CYS A 24 1.11 16.91 24.26
N GLU A 25 0.73 16.97 22.98
CA GLU A 25 -0.68 16.93 22.60
C GLU A 25 -1.27 15.52 22.85
N PHE A 26 -0.44 14.46 22.80
CA PHE A 26 -0.91 13.09 23.12
C PHE A 26 -1.07 12.93 24.63
N ASP A 27 -0.27 13.62 25.43
CA ASP A 27 -0.36 13.58 26.87
C ASP A 27 -1.70 14.22 27.33
N MET A 28 -2.21 15.24 26.58
CA MET A 28 -3.47 15.95 26.84
C MET A 28 -4.71 15.12 26.56
N VAL A 29 -4.60 14.00 25.84
CA VAL A 29 -5.75 13.18 25.51
C VAL A 29 -6.19 12.34 26.72
N LYS A 30 -7.45 12.57 27.18
CA LYS A 30 -7.97 11.89 28.35
C LYS A 30 -8.44 10.46 28.09
N ASP A 31 -8.70 10.09 26.82
CA ASP A 31 -9.16 8.75 26.44
C ASP A 31 -8.26 7.65 27.02
N PRO A 32 -8.79 6.79 27.91
CA PRO A 32 -7.97 5.73 28.49
C PRO A 32 -7.40 4.77 27.44
N GLU A 33 -8.08 4.59 26.31
CA GLU A 33 -7.61 3.72 25.22
C GLU A 33 -6.32 4.29 24.61
N VAL A 34 -6.27 5.61 24.46
CA VAL A 34 -5.12 6.32 23.92
C VAL A 34 -3.92 6.11 24.83
N GLN A 35 -4.08 6.38 26.14
CA GLN A 35 -2.97 6.24 27.09
C GLN A 35 -2.56 4.79 27.27
N ASP A 36 -3.52 3.86 27.22
CA ASP A 36 -3.20 2.44 27.32
C ASP A 36 -2.46 1.97 26.08
N PHE A 37 -2.76 2.54 24.89
CA PHE A 37 -2.06 2.16 23.66
C PHE A 37 -0.61 2.61 23.78
N ARG A 38 -0.38 3.89 24.15
CA ARG A 38 0.94 4.46 24.29
C ARG A 38 1.85 3.64 25.20
N ARG A 39 1.31 3.09 26.30
CA ARG A 39 2.11 2.28 27.22
C ARG A 39 2.21 0.83 26.78
N ASN A 40 1.10 0.21 26.36
CA ASN A 40 1.11 -1.21 25.98
C ASN A 40 1.85 -1.53 24.70
N ILE A 41 1.97 -0.57 23.78
CA ILE A 41 2.68 -0.81 22.52
C ILE A 41 4.22 -0.89 22.74
N LEU A 42 4.74 -0.29 23.85
CA LEU A 42 6.17 -0.29 24.17
C LEU A 42 6.77 -1.70 24.27
N ASN A 43 5.93 -2.71 24.49
CA ASN A 43 6.36 -4.11 24.54
C ASN A 43 6.93 -4.49 23.15
N VAL A 44 6.28 -4.04 22.05
CA VAL A 44 6.71 -4.32 20.68
C VAL A 44 8.04 -3.58 20.37
N CYS A 45 8.18 -2.33 20.88
CA CYS A 45 9.39 -1.53 20.74
C CYS A 45 10.57 -2.25 21.35
N LYS A 46 10.40 -2.73 22.60
CA LYS A 46 11.45 -3.43 23.32
C LYS A 46 11.84 -4.71 22.66
N GLU A 47 10.88 -5.48 22.18
CA GLU A 47 11.17 -6.71 21.47
C GLU A 47 11.98 -6.49 20.20
N ALA A 48 11.70 -5.41 19.47
CA ALA A 48 12.42 -5.08 18.22
C ALA A 48 13.81 -4.62 18.54
N VAL A 49 13.99 -3.78 19.57
CA VAL A 49 15.30 -3.31 20.00
C VAL A 49 16.16 -4.48 20.48
N ASP A 50 15.56 -5.47 21.18
CA ASP A 50 16.30 -6.66 21.62
C ASP A 50 16.74 -7.51 20.43
N LEU A 51 15.93 -7.57 19.39
CA LEU A 51 16.24 -8.33 18.17
C LEU A 51 17.42 -7.66 17.40
N ARG A 52 17.54 -6.34 17.52
CA ARG A 52 18.62 -5.59 16.90
C ARG A 52 19.95 -5.77 17.64
N ASP A 53 19.93 -6.09 18.93
CA ASP A 53 21.15 -6.30 19.70
C ASP A 53 21.50 -7.79 19.91
N LEU A 54 20.68 -8.73 19.37
CA LEU A 54 20.92 -10.15 19.49
C LEU A 54 22.36 -10.53 19.05
N ASN A 55 22.65 -10.40 17.73
CA ASN A 55 23.97 -10.67 17.19
C ASN A 55 24.65 -9.32 16.87
N SER A 56 24.64 -8.38 17.82
CA SER A 56 25.24 -7.06 17.59
C SER A 56 26.76 -7.21 17.31
N PRO A 57 27.33 -6.46 16.34
CA PRO A 57 26.71 -5.43 15.51
C PRO A 57 26.16 -5.91 14.15
N HIS A 58 26.30 -7.19 13.82
CA HIS A 58 25.82 -7.69 12.53
C HIS A 58 24.31 -7.58 12.38
N SER A 59 23.59 -7.89 13.46
CA SER A 59 22.13 -7.84 13.46
C SER A 59 21.63 -6.38 13.40
N ARG A 60 22.39 -5.44 13.96
CA ARG A 60 22.08 -4.01 13.91
C ARG A 60 22.34 -3.48 12.47
N ALA A 61 23.38 -3.99 11.80
CA ALA A 61 23.69 -3.61 10.42
C ALA A 61 22.61 -4.14 9.49
N MET A 62 22.06 -5.33 9.75
CA MET A 62 21.00 -5.87 8.91
C MET A 62 19.64 -5.21 9.16
N TYR A 63 19.51 -4.46 10.24
CA TYR A 63 18.32 -3.71 10.51
C TYR A 63 18.39 -2.47 9.59
N VAL A 64 19.50 -1.70 9.66
CA VAL A 64 19.73 -0.48 8.89
C VAL A 64 19.89 -0.73 7.38
N TYR A 65 20.58 -1.83 7.03
CA TYR A 65 20.84 -2.23 5.66
C TYR A 65 20.34 -3.65 5.38
N PRO A 66 19.02 -3.87 5.36
CA PRO A 66 18.50 -5.22 5.12
C PRO A 66 18.76 -5.70 3.69
N PRO A 67 18.87 -7.02 3.50
CA PRO A 67 19.10 -7.52 2.13
C PRO A 67 17.89 -7.27 1.27
N ASN A 68 18.10 -6.67 0.10
CA ASN A 68 17.02 -6.41 -0.84
C ASN A 68 16.97 -7.60 -1.76
N VAL A 69 16.26 -8.65 -1.35
CA VAL A 69 16.18 -9.87 -2.12
C VAL A 69 14.78 -10.19 -2.66
N GLU A 70 14.72 -11.07 -3.65
CA GLU A 70 13.48 -11.62 -4.16
C GLU A 70 13.06 -12.72 -3.15
N SER A 71 11.77 -13.12 -3.17
CA SER A 71 11.31 -14.13 -2.22
C SER A 71 11.74 -15.55 -2.56
N SER A 72 12.13 -15.81 -3.83
CA SER A 72 12.58 -17.15 -4.20
C SER A 72 13.99 -17.22 -4.81
N PRO A 73 14.81 -18.20 -4.35
CA PRO A 73 16.12 -18.38 -4.97
C PRO A 73 16.06 -19.00 -6.37
N GLU A 74 15.01 -19.78 -6.65
CA GLU A 74 14.84 -20.45 -7.94
C GLU A 74 14.71 -19.43 -9.05
N LEU A 75 15.59 -19.51 -10.05
CA LEU A 75 15.53 -18.58 -11.19
C LEU A 75 14.66 -19.19 -12.26
N PRO A 76 13.69 -18.43 -12.78
CA PRO A 76 12.85 -18.97 -13.86
C PRO A 76 13.68 -19.35 -15.08
N LYS A 77 13.29 -20.43 -15.78
CA LYS A 77 14.01 -20.95 -16.95
C LYS A 77 14.51 -19.89 -17.94
N HIS A 78 13.72 -18.83 -18.20
CA HIS A 78 14.11 -17.76 -19.13
C HIS A 78 15.19 -16.82 -18.59
N ILE A 79 15.28 -16.68 -17.25
CA ILE A 79 16.31 -15.85 -16.64
C ILE A 79 17.61 -16.64 -16.59
N TYR A 80 17.54 -17.96 -16.28
CA TYR A 80 18.69 -18.85 -16.26
C TYR A 80 19.35 -18.95 -17.65
N ASN A 81 18.55 -18.82 -18.74
CA ASN A 81 19.06 -18.85 -20.11
C ASN A 81 19.89 -17.60 -20.49
N LYS A 82 19.70 -16.49 -19.76
CA LYS A 82 20.48 -15.26 -19.98
C LYS A 82 21.92 -15.41 -19.45
N LEU A 83 22.15 -16.33 -18.48
CA LEU A 83 23.47 -16.60 -17.91
C LEU A 83 24.35 -17.40 -18.88
N ASP A 84 25.68 -17.39 -18.63
CA ASP A 84 26.64 -18.15 -19.43
C ASP A 84 26.91 -19.46 -18.71
N LYS A 85 26.16 -20.52 -19.07
CA LYS A 85 26.25 -21.83 -18.44
C LYS A 85 26.05 -21.78 -16.92
N GLY A 86 25.05 -21.00 -16.49
CA GLY A 86 24.68 -20.83 -15.08
C GLY A 86 25.62 -19.96 -14.26
N GLN A 87 26.44 -19.16 -14.94
CA GLN A 87 27.44 -18.31 -14.30
C GLN A 87 27.27 -16.86 -14.71
N ILE A 88 27.65 -15.96 -13.82
CA ILE A 88 27.53 -14.54 -14.05
C ILE A 88 28.89 -13.84 -13.92
N ILE A 89 29.07 -12.76 -14.70
CA ILE A 89 30.27 -11.95 -14.64
C ILE A 89 29.96 -10.72 -13.79
N VAL A 90 30.71 -10.55 -12.69
CA VAL A 90 30.53 -9.42 -11.79
C VAL A 90 31.80 -8.60 -11.68
N VAL A 91 31.69 -7.28 -11.46
CA VAL A 91 32.87 -6.44 -11.30
C VAL A 91 32.96 -6.04 -9.86
N ILE A 92 34.08 -6.34 -9.20
CA ILE A 92 34.27 -6.00 -7.80
C ILE A 92 35.24 -4.86 -7.73
N TRP A 93 34.86 -3.77 -7.12
CA TRP A 93 35.66 -2.57 -7.02
C TRP A 93 36.27 -2.40 -5.63
N VAL A 94 37.45 -1.78 -5.57
CA VAL A 94 38.18 -1.52 -4.33
C VAL A 94 38.70 -0.07 -4.39
N ILE A 95 38.55 0.68 -3.30
CA ILE A 95 39.07 2.04 -3.24
C ILE A 95 40.37 1.88 -2.50
N VAL A 96 41.48 2.26 -3.14
CA VAL A 96 42.77 1.95 -2.57
C VAL A 96 43.31 2.93 -1.55
N SER A 97 43.09 4.25 -1.65
CA SER A 97 43.61 5.20 -0.65
C SER A 97 45.11 5.04 -0.39
N PRO A 98 45.94 6.09 -0.55
CA PRO A 98 45.60 7.47 -0.93
C PRO A 98 45.03 7.62 -2.35
N ASN A 99 44.64 8.84 -2.73
CA ASN A 99 44.15 9.18 -4.08
C ASN A 99 42.77 8.56 -4.40
N ASN A 100 42.31 7.60 -3.59
CA ASN A 100 41.02 6.91 -3.72
C ASN A 100 40.80 6.32 -5.11
N ASP A 101 41.82 5.65 -5.63
CA ASP A 101 41.76 5.06 -6.97
C ASP A 101 40.79 3.91 -7.00
N LYS A 102 39.98 3.87 -8.03
CA LYS A 102 39.00 2.81 -8.19
C LYS A 102 39.61 1.67 -8.98
N GLN A 103 39.86 0.55 -8.31
CA GLN A 103 40.43 -0.62 -8.95
C GLN A 103 39.36 -1.70 -9.08
N LYS A 104 39.19 -2.22 -10.29
CA LYS A 104 38.22 -3.27 -10.53
C LYS A 104 38.89 -4.62 -10.68
N TYR A 105 38.15 -5.68 -10.35
CA TYR A 105 38.56 -7.07 -10.46
C TYR A 105 37.35 -7.82 -10.98
N THR A 106 37.39 -8.31 -12.22
CA THR A 106 36.26 -8.94 -12.86
C THR A 106 36.21 -10.42 -12.60
N LEU A 107 35.08 -10.95 -12.11
CA LEU A 107 34.94 -12.38 -11.80
C LEU A 107 33.89 -13.03 -12.66
N LYS A 108 33.97 -14.36 -12.83
CA LYS A 108 32.95 -15.17 -13.50
C LYS A 108 32.68 -16.24 -12.47
N ILE A 109 31.55 -16.12 -11.78
CA ILE A 109 31.18 -17.03 -10.69
C ILE A 109 29.80 -17.63 -10.88
N ASN A 110 29.46 -18.71 -10.15
CA ASN A 110 28.14 -19.32 -10.21
C ASN A 110 27.09 -18.32 -9.74
N HIS A 111 25.95 -18.24 -10.43
CA HIS A 111 24.90 -17.29 -10.08
C HIS A 111 24.44 -17.41 -8.61
N ASP A 112 24.55 -18.61 -8.01
CA ASP A 112 24.10 -18.82 -6.64
C ASP A 112 25.18 -18.73 -5.59
N CYS A 113 26.30 -18.09 -5.90
CA CYS A 113 27.39 -17.93 -4.94
C CYS A 113 26.94 -17.00 -3.84
N VAL A 114 27.21 -17.32 -2.58
CA VAL A 114 26.86 -16.43 -1.48
C VAL A 114 27.87 -15.26 -1.37
N PRO A 115 27.51 -14.08 -0.82
CA PRO A 115 28.45 -12.95 -0.78
C PRO A 115 29.88 -13.25 -0.31
N GLU A 116 30.08 -14.13 0.68
CA GLU A 116 31.42 -14.46 1.14
C GLU A 116 32.23 -15.25 0.09
N GLN A 117 31.57 -16.07 -0.73
CA GLN A 117 32.25 -16.79 -1.79
C GLN A 117 32.72 -15.82 -2.88
N VAL A 118 31.91 -14.78 -3.16
CA VAL A 118 32.26 -13.75 -4.13
C VAL A 118 33.48 -12.95 -3.63
N ILE A 119 33.50 -12.64 -2.33
CA ILE A 119 34.59 -11.90 -1.69
C ILE A 119 35.89 -12.71 -1.75
N ALA A 120 35.82 -14.01 -1.47
CA ALA A 120 36.98 -14.91 -1.48
C ALA A 120 37.59 -14.98 -2.88
N GLU A 121 36.74 -15.06 -3.90
CA GLU A 121 37.14 -15.08 -5.31
C GLU A 121 37.77 -13.73 -5.74
N ALA A 122 37.35 -12.61 -5.13
CA ALA A 122 37.90 -11.29 -5.41
C ALA A 122 39.28 -11.15 -4.75
N ILE A 123 39.46 -11.74 -3.55
CA ILE A 123 40.75 -11.72 -2.88
C ILE A 123 41.79 -12.52 -3.73
N ARG A 124 41.35 -13.65 -4.32
CA ARG A 124 42.19 -14.47 -5.19
C ARG A 124 42.65 -13.66 -6.41
N LYS A 125 41.70 -13.00 -7.10
CA LYS A 125 41.97 -12.18 -8.27
C LYS A 125 42.81 -10.94 -7.95
N LYS A 126 42.71 -10.39 -6.73
CA LYS A 126 43.49 -9.23 -6.33
C LYS A 126 44.93 -9.64 -6.00
N THR A 127 45.10 -10.79 -5.34
CA THR A 127 46.44 -11.28 -5.02
C THR A 127 47.19 -11.77 -6.29
N ARG A 128 46.47 -12.06 -7.39
CA ARG A 128 47.12 -12.42 -8.65
C ARG A 128 47.57 -11.13 -9.35
N SER A 129 48.65 -10.50 -8.84
CA SER A 129 49.20 -9.27 -9.41
C SER A 129 50.74 -9.31 -9.53
N GLN A 145 40.54 -12.95 6.48
CA GLN A 145 40.14 -12.62 5.11
C GLN A 145 38.60 -12.52 4.90
N GLY A 146 37.81 -12.95 5.88
CA GLY A 146 36.35 -12.86 5.79
C GLY A 146 35.78 -11.67 6.54
N LYS A 147 36.54 -10.57 6.63
CA LYS A 147 36.19 -9.33 7.32
C LYS A 147 35.79 -8.23 6.33
N TYR A 148 35.18 -8.61 5.21
CA TYR A 148 34.74 -7.68 4.19
C TYR A 148 33.27 -7.89 3.85
N ILE A 149 32.64 -6.86 3.32
CA ILE A 149 31.25 -6.88 2.91
C ILE A 149 31.11 -6.27 1.51
N LEU A 150 30.06 -6.66 0.79
CA LEU A 150 29.79 -6.13 -0.54
C LEU A 150 28.69 -5.09 -0.46
N LYS A 151 28.86 -3.99 -1.20
CA LYS A 151 27.91 -2.88 -1.32
C LYS A 151 27.64 -2.66 -2.82
N VAL A 152 26.43 -2.24 -3.21
CA VAL A 152 26.13 -1.94 -4.61
C VAL A 152 26.83 -0.61 -4.92
N CYS A 153 27.54 -0.52 -6.06
CA CYS A 153 28.19 0.73 -6.45
C CYS A 153 27.12 1.74 -6.80
N GLY A 154 27.19 2.91 -6.21
CA GLY A 154 26.25 3.97 -6.51
C GLY A 154 25.17 4.22 -5.47
N CYS A 155 24.89 3.26 -4.58
CA CYS A 155 23.83 3.44 -3.57
C CYS A 155 24.12 2.71 -2.29
N ASP A 156 23.49 3.14 -1.19
CA ASP A 156 23.66 2.52 0.12
C ASP A 156 22.83 1.24 0.25
N GLU A 157 23.22 0.21 -0.46
CA GLU A 157 22.56 -1.09 -0.41
C GLU A 157 23.66 -2.14 -0.24
N TYR A 158 23.54 -3.01 0.80
CA TYR A 158 24.57 -3.97 1.09
C TYR A 158 24.12 -5.41 0.93
N PHE A 159 25.07 -6.32 0.74
CA PHE A 159 24.81 -7.75 0.64
C PHE A 159 25.28 -8.41 1.96
N LEU A 160 24.68 -8.03 3.09
CA LEU A 160 25.09 -8.54 4.40
C LEU A 160 24.64 -9.95 4.74
N GLU A 161 23.83 -10.60 3.89
CA GLU A 161 23.31 -11.92 4.24
C GLU A 161 23.71 -13.01 3.24
N LYS A 162 23.88 -14.26 3.71
CA LYS A 162 24.28 -15.45 2.94
C LYS A 162 23.22 -15.96 1.94
N TYR A 163 22.66 -15.07 1.14
CA TYR A 163 21.73 -15.43 0.09
C TYR A 163 22.53 -15.70 -1.15
N PRO A 164 22.05 -16.60 -2.04
CA PRO A 164 22.72 -16.75 -3.35
C PRO A 164 22.69 -15.40 -4.08
N LEU A 165 23.83 -14.94 -4.60
CA LEU A 165 23.98 -13.65 -5.27
C LEU A 165 22.86 -13.27 -6.24
N SER A 166 22.38 -14.21 -7.08
CA SER A 166 21.29 -13.93 -8.03
C SER A 166 19.91 -13.69 -7.36
N GLN A 167 19.75 -14.03 -6.06
CA GLN A 167 18.50 -13.73 -5.36
C GLN A 167 18.37 -12.25 -4.96
N TYR A 168 19.51 -11.51 -4.89
CA TYR A 168 19.46 -10.10 -4.59
C TYR A 168 18.83 -9.38 -5.77
N LYS A 169 17.89 -8.50 -5.51
CA LYS A 169 17.17 -7.79 -6.55
C LYS A 169 18.07 -7.07 -7.55
N TYR A 170 19.18 -6.51 -7.07
CA TYR A 170 20.11 -5.80 -7.95
C TYR A 170 20.76 -6.76 -8.93
N ILE A 171 21.21 -7.93 -8.45
CA ILE A 171 21.86 -8.91 -9.33
C ILE A 171 20.86 -9.52 -10.30
N ARG A 172 19.68 -9.93 -9.78
CA ARG A 172 18.56 -10.47 -10.56
C ARG A 172 18.17 -9.46 -11.67
N SER A 173 18.11 -8.16 -11.31
CA SER A 173 17.77 -7.10 -12.25
C SER A 173 18.86 -6.88 -13.29
N CYS A 174 20.13 -7.13 -12.95
CA CYS A 174 21.22 -6.97 -13.89
C CYS A 174 21.16 -8.05 -14.94
N ILE A 175 20.95 -9.32 -14.52
CA ILE A 175 20.80 -10.47 -15.44
C ILE A 175 19.75 -10.16 -16.54
N MET A 176 18.55 -9.70 -16.11
CA MET A 176 17.43 -9.33 -16.97
C MET A 176 17.71 -8.11 -17.84
N LEU A 177 18.24 -7.00 -17.27
CA LEU A 177 18.51 -5.80 -18.08
C LEU A 177 19.79 -5.86 -18.94
N GLY A 178 20.49 -6.99 -18.91
CA GLY A 178 21.74 -7.19 -19.66
C GLY A 178 22.95 -6.50 -19.06
N ARG A 179 22.76 -5.69 -18.02
CA ARG A 179 23.82 -4.92 -17.35
C ARG A 179 24.77 -5.79 -16.55
N MET A 180 25.98 -5.29 -16.33
CA MET A 180 26.99 -6.01 -15.57
C MET A 180 26.94 -5.52 -14.14
N PRO A 181 26.87 -6.42 -13.16
CA PRO A 181 26.85 -5.97 -11.76
C PRO A 181 28.15 -5.31 -11.31
N ASN A 182 28.05 -4.18 -10.65
CA ASN A 182 29.20 -3.47 -10.10
C ASN A 182 29.03 -3.36 -8.60
N LEU A 183 29.84 -4.12 -7.88
CA LEU A 183 29.82 -4.13 -6.43
C LEU A 183 31.10 -3.53 -5.88
N MET A 184 31.09 -3.09 -4.64
CA MET A 184 32.23 -2.49 -3.99
C MET A 184 32.61 -3.29 -2.74
N LEU A 185 33.88 -3.71 -2.65
CA LEU A 185 34.41 -4.44 -1.51
C LEU A 185 34.70 -3.42 -0.42
N MET A 186 34.19 -3.67 0.77
CA MET A 186 34.31 -2.72 1.87
C MET A 186 34.68 -3.44 3.16
N ALA A 187 35.49 -2.81 4.01
CA ALA A 187 35.88 -3.43 5.28
C ALA A 187 34.67 -3.47 6.19
N LYS A 188 34.39 -4.63 6.79
CA LYS A 188 33.27 -4.83 7.71
C LYS A 188 33.32 -3.80 8.83
N GLU A 189 34.51 -3.48 9.35
CA GLU A 189 34.65 -2.50 10.42
C GLU A 189 34.46 -1.06 9.94
N SER A 190 34.59 -0.79 8.63
CA SER A 190 34.34 0.55 8.09
C SER A 190 32.86 0.88 8.29
N LEU A 191 31.97 -0.09 7.97
CA LEU A 191 30.54 0.06 8.08
C LEU A 191 30.06 0.01 9.53
N TYR A 192 30.44 -1.01 10.29
CA TYR A 192 30.04 -1.22 11.67
C TYR A 192 30.41 -0.05 12.56
N SER A 193 31.52 0.63 12.27
CA SER A 193 31.93 1.80 13.04
C SER A 193 30.92 2.95 12.89
N GLN A 194 30.27 3.06 11.71
CA GLN A 194 29.27 4.08 11.41
C GLN A 194 27.84 3.77 11.96
N LEU A 195 27.62 2.58 12.56
CA LEU A 195 26.32 2.24 13.13
C LEU A 195 26.21 2.85 14.52
N PRO A 196 25.19 3.68 14.76
CA PRO A 196 25.07 4.32 16.06
C PRO A 196 24.75 3.37 17.21
N MET A 197 25.26 3.69 18.40
CA MET A 197 25.06 2.92 19.62
C MET A 197 23.61 3.07 20.12
N THR A 201 14.78 3.31 24.89
CA THR A 201 14.61 4.21 26.03
C THR A 201 13.15 4.41 26.40
N MET A 202 12.65 3.64 27.41
CA MET A 202 11.26 3.71 27.89
C MET A 202 10.86 5.13 28.32
N PRO A 203 9.72 5.61 27.81
CA PRO A 203 9.32 6.99 28.10
C PRO A 203 8.73 7.19 29.49
N SER A 204 8.66 8.46 29.92
CA SER A 204 8.13 8.91 31.20
C SER A 204 6.68 8.49 31.45
N TYR A 205 5.85 8.46 30.38
CA TYR A 205 4.44 8.08 30.53
C TYR A 205 4.22 6.57 30.78
N SER A 206 5.28 5.81 31.11
CA SER A 206 5.14 4.39 31.36
C SER A 206 5.50 4.04 32.82
N THR A 222 -18.32 -7.84 37.74
CA THR A 222 -18.76 -7.74 36.35
C THR A 222 -19.74 -8.83 35.95
N LYS A 223 -20.72 -8.45 35.12
CA LYS A 223 -21.74 -9.36 34.57
C LYS A 223 -21.28 -9.85 33.20
N SER A 224 -21.71 -11.06 32.81
CA SER A 224 -21.40 -11.57 31.49
C SER A 224 -22.46 -11.06 30.52
N LEU A 225 -22.06 -10.79 29.27
CA LEU A 225 -23.00 -10.35 28.24
C LEU A 225 -24.16 -11.34 28.06
N TRP A 226 -23.86 -12.61 28.24
CA TRP A 226 -24.80 -13.69 28.02
C TRP A 226 -25.85 -13.88 29.15
N VAL A 227 -25.69 -13.18 30.29
CA VAL A 227 -26.70 -13.25 31.35
C VAL A 227 -27.69 -12.07 31.30
N ILE A 228 -27.62 -11.21 30.27
CA ILE A 228 -28.52 -10.07 30.13
C ILE A 228 -29.62 -10.51 29.21
N ASN A 229 -30.77 -10.82 29.77
CA ASN A 229 -31.87 -11.38 29.00
C ASN A 229 -32.56 -10.37 28.01
N SER A 230 -32.44 -9.04 28.24
CA SER A 230 -33.15 -8.02 27.43
C SER A 230 -32.67 -7.79 25.96
N ALA A 231 -33.52 -7.12 25.17
CA ALA A 231 -33.21 -6.76 23.79
C ALA A 231 -32.45 -5.42 23.83
N LEU A 232 -31.75 -5.09 22.73
CA LEU A 232 -30.99 -3.86 22.67
C LEU A 232 -31.87 -2.64 22.34
N ARG A 233 -31.68 -1.59 23.11
CA ARG A 233 -32.36 -0.33 22.96
C ARG A 233 -31.32 0.78 23.20
N ILE A 234 -31.39 1.86 22.41
CA ILE A 234 -30.47 2.99 22.56
C ILE A 234 -31.30 4.26 22.55
N LYS A 235 -31.03 5.20 23.47
CA LYS A 235 -31.77 6.45 23.50
C LYS A 235 -31.06 7.52 22.72
N ILE A 236 -31.78 8.23 21.86
CA ILE A 236 -31.23 9.36 21.12
C ILE A 236 -31.77 10.59 21.83
N LEU A 237 -30.90 11.28 22.58
CA LEU A 237 -31.30 12.43 23.37
C LEU A 237 -31.52 13.67 22.52
N CYS A 238 -30.45 14.28 22.04
CA CYS A 238 -30.54 15.52 21.29
C CYS A 238 -29.29 15.71 20.41
N ALA A 239 -29.34 16.70 19.52
CA ALA A 239 -28.21 17.06 18.70
C ALA A 239 -27.90 18.53 18.87
N THR A 240 -26.64 18.89 18.95
CA THR A 240 -26.20 20.29 18.99
C THR A 240 -25.33 20.57 17.76
N TYR A 241 -25.16 21.85 17.40
CA TYR A 241 -24.41 22.30 16.23
C TYR A 241 -25.03 21.87 14.91
N VAL A 242 -26.37 21.81 14.87
CA VAL A 242 -27.18 21.55 13.67
C VAL A 242 -28.20 22.72 13.60
N ASN A 243 -27.90 23.79 12.81
CA ASN A 243 -28.81 24.95 12.75
C ASN A 243 -30.18 24.60 12.16
N ILE A 249 -33.19 20.93 6.69
CA ILE A 249 -34.10 21.54 5.71
C ILE A 249 -35.58 21.57 6.29
N ASP A 250 -36.54 20.71 5.82
CA ASP A 250 -37.89 20.72 6.35
C ASP A 250 -37.86 20.07 7.72
N LYS A 251 -37.45 18.81 7.79
CA LYS A 251 -37.39 18.05 9.03
C LYS A 251 -36.05 17.27 9.09
N ILE A 252 -35.63 16.91 10.31
CA ILE A 252 -34.40 16.21 10.56
C ILE A 252 -34.67 14.95 11.39
N TYR A 253 -33.95 13.86 11.12
CA TYR A 253 -34.06 12.65 11.91
C TYR A 253 -32.70 11.94 12.03
N VAL A 254 -32.60 11.03 12.98
CA VAL A 254 -31.40 10.25 13.19
C VAL A 254 -31.69 8.86 12.64
N ARG A 255 -30.88 8.41 11.66
CA ARG A 255 -30.91 7.05 11.07
C ARG A 255 -29.88 6.21 11.85
N THR A 256 -30.27 5.02 12.37
CA THR A 256 -29.36 4.19 13.15
C THR A 256 -29.38 2.74 12.67
N GLY A 257 -28.34 1.99 13.01
CA GLY A 257 -28.28 0.58 12.68
C GLY A 257 -27.27 -0.17 13.51
N ILE A 258 -27.50 -1.47 13.70
CA ILE A 258 -26.51 -2.32 14.37
C ILE A 258 -25.82 -3.09 13.25
N TYR A 259 -24.49 -2.94 13.13
CA TYR A 259 -23.73 -3.52 12.03
C TYR A 259 -22.54 -4.35 12.50
N HIS A 260 -22.15 -5.32 11.67
CA HIS A 260 -20.95 -6.15 11.87
C HIS A 260 -20.31 -6.01 10.51
N GLY A 261 -19.27 -5.20 10.44
CA GLY A 261 -18.67 -4.86 9.17
C GLY A 261 -19.59 -3.92 8.46
N GLY A 262 -19.90 -4.23 7.20
CA GLY A 262 -20.85 -3.46 6.42
C GLY A 262 -22.21 -4.13 6.34
N GLU A 263 -22.44 -5.18 7.19
CA GLU A 263 -23.69 -5.95 7.23
C GLU A 263 -24.53 -5.64 8.47
N PRO A 264 -25.83 -5.26 8.25
CA PRO A 264 -26.70 -5.00 9.40
C PRO A 264 -27.11 -6.26 10.13
N LEU A 265 -27.04 -6.25 11.46
CA LEU A 265 -27.41 -7.39 12.29
C LEU A 265 -28.92 -7.50 12.60
N CYS A 266 -29.67 -6.42 12.32
CA CYS A 266 -31.11 -6.28 12.48
C CYS A 266 -31.57 -5.12 11.58
N ASP A 267 -32.88 -4.82 11.50
CA ASP A 267 -33.36 -3.73 10.64
C ASP A 267 -32.86 -2.37 11.16
N ASN A 268 -32.68 -1.40 10.26
CA ASN A 268 -32.28 -0.06 10.67
C ASN A 268 -33.47 0.65 11.29
N VAL A 269 -33.23 1.42 12.37
CA VAL A 269 -34.28 2.11 13.11
C VAL A 269 -34.04 3.62 13.08
N ASN A 270 -35.08 4.40 12.76
CA ASN A 270 -34.95 5.85 12.70
C ASN A 270 -35.71 6.50 13.84
N THR A 271 -35.26 7.69 14.28
CA THR A 271 -36.00 8.48 15.26
C THR A 271 -37.15 9.18 14.49
N GLN A 272 -38.03 9.87 15.20
CA GLN A 272 -39.08 10.65 14.56
C GLN A 272 -38.43 11.84 13.87
N ARG A 273 -39.11 12.39 12.89
CA ARG A 273 -38.65 13.59 12.21
C ARG A 273 -39.02 14.77 13.08
N VAL A 274 -38.13 15.73 13.25
CA VAL A 274 -38.38 16.91 14.06
C VAL A 274 -38.02 18.14 13.24
N PRO A 275 -38.74 19.27 13.44
CA PRO A 275 -38.40 20.48 12.66
C PRO A 275 -37.08 20.99 13.21
N CYS A 276 -36.10 21.15 12.30
CA CYS A 276 -34.70 21.50 12.54
C CYS A 276 -34.38 22.04 13.99
N SER A 277 -34.31 23.38 14.30
CA SER A 277 -33.98 23.86 15.66
C SER A 277 -32.61 23.24 16.10
N ASN A 278 -32.42 22.78 17.36
CA ASN A 278 -31.26 21.98 17.84
C ASN A 278 -32.02 20.79 18.39
N PRO A 279 -32.33 19.83 17.51
CA PRO A 279 -33.34 18.81 17.83
C PRO A 279 -33.13 17.96 19.05
N ARG A 280 -34.22 17.84 19.80
CA ARG A 280 -34.29 16.98 20.96
C ARG A 280 -35.30 15.89 20.53
N TRP A 281 -34.93 14.63 20.74
CA TRP A 281 -35.79 13.51 20.36
C TRP A 281 -36.23 12.78 21.61
N ASN A 282 -35.31 12.60 22.59
CA ASN A 282 -35.52 11.91 23.87
C ASN A 282 -36.31 10.63 23.66
N GLU A 283 -35.84 9.86 22.69
CA GLU A 283 -36.52 8.69 22.19
C GLU A 283 -35.64 7.45 22.26
N TRP A 284 -36.13 6.39 22.88
CA TRP A 284 -35.44 5.10 22.93
C TRP A 284 -35.78 4.36 21.64
N LEU A 285 -34.76 3.97 20.88
CA LEU A 285 -34.88 3.21 19.65
C LEU A 285 -34.71 1.73 19.99
N ASN A 286 -35.62 0.88 19.50
CA ASN A 286 -35.61 -0.54 19.85
C ASN A 286 -35.17 -1.39 18.71
N TYR A 287 -34.12 -2.20 18.94
CA TYR A 287 -33.54 -3.04 17.88
C TYR A 287 -34.02 -4.47 17.96
N ASP A 288 -34.18 -5.13 16.80
CA ASP A 288 -34.65 -6.51 16.72
C ASP A 288 -33.46 -7.46 17.01
N ILE A 289 -32.79 -7.29 18.15
CA ILE A 289 -31.64 -8.12 18.50
C ILE A 289 -31.47 -8.16 20.02
N TYR A 290 -31.25 -9.35 20.59
CA TYR A 290 -31.10 -9.48 22.04
C TYR A 290 -29.61 -9.29 22.41
N ILE A 291 -29.34 -8.61 23.54
CA ILE A 291 -28.00 -8.32 24.01
C ILE A 291 -27.02 -9.55 23.94
N PRO A 292 -27.38 -10.80 24.36
CA PRO A 292 -26.41 -11.91 24.25
C PRO A 292 -26.03 -12.28 22.82
N ASP A 293 -26.89 -11.96 21.85
CA ASP A 293 -26.61 -12.29 20.46
C ASP A 293 -25.73 -11.25 19.73
N LEU A 294 -25.22 -10.23 20.45
CA LEU A 294 -24.38 -9.20 19.86
C LEU A 294 -22.98 -9.72 19.65
N PRO A 295 -22.46 -9.72 18.40
CA PRO A 295 -21.07 -10.13 18.20
C PRO A 295 -20.07 -9.13 18.79
N ARG A 296 -18.84 -9.59 19.02
CA ARG A 296 -17.77 -8.80 19.61
C ARG A 296 -17.48 -7.51 18.81
N ALA A 297 -17.57 -7.58 17.47
CA ALA A 297 -17.32 -6.42 16.64
C ALA A 297 -18.57 -5.64 16.25
N ALA A 298 -19.65 -5.73 17.04
CA ALA A 298 -20.88 -5.02 16.73
C ALA A 298 -20.70 -3.53 16.91
N ARG A 299 -21.26 -2.76 15.97
CA ARG A 299 -21.17 -1.31 15.96
C ARG A 299 -22.52 -0.67 15.81
N LEU A 300 -22.66 0.53 16.38
CA LEU A 300 -23.83 1.36 16.18
C LEU A 300 -23.41 2.34 15.08
N CYS A 301 -24.14 2.38 13.97
CA CYS A 301 -23.85 3.31 12.88
C CYS A 301 -25.00 4.31 12.84
N LEU A 302 -24.67 5.59 13.07
CA LEU A 302 -25.60 6.73 13.13
C LEU A 302 -25.45 7.64 11.92
N SER A 303 -26.47 8.45 11.69
CA SER A 303 -26.50 9.46 10.67
C SER A 303 -27.58 10.50 11.05
N ILE A 304 -27.31 11.80 10.83
CA ILE A 304 -28.33 12.81 10.98
C ILE A 304 -28.76 13.08 9.57
N CYS A 305 -30.00 12.73 9.23
CA CYS A 305 -30.54 12.87 7.89
C CYS A 305 -31.57 13.98 7.80
N SER A 306 -31.62 14.58 6.64
CA SER A 306 -32.55 15.64 6.35
C SER A 306 -33.60 15.11 5.40
N VAL A 307 -34.82 15.65 5.50
CA VAL A 307 -35.89 15.30 4.58
C VAL A 307 -36.35 16.56 3.87
N LYS A 308 -36.39 16.54 2.53
CA LYS A 308 -36.83 17.69 1.74
C LYS A 308 -37.95 17.21 0.85
N GLY A 309 -39.15 17.73 1.11
CA GLY A 309 -40.35 17.38 0.37
C GLY A 309 -40.45 18.03 -1.01
N ARG A 310 -40.84 17.22 -2.01
CA ARG A 310 -40.98 17.68 -3.39
C ARG A 310 -42.42 17.49 -3.92
N LYS A 314 -41.46 13.17 -4.94
CA LYS A 314 -41.09 12.26 -3.84
C LYS A 314 -39.93 12.79 -2.96
N GLU A 315 -40.00 12.49 -1.64
CA GLU A 315 -39.08 12.88 -0.56
C GLU A 315 -37.60 12.64 -0.80
N GLU A 316 -36.80 13.71 -0.68
CA GLU A 316 -35.35 13.62 -0.83
C GLU A 316 -34.67 13.54 0.55
N HIS A 317 -34.08 12.37 0.85
CA HIS A 317 -33.35 12.12 2.10
C HIS A 317 -31.86 12.30 1.91
N CYS A 318 -31.20 13.06 2.80
CA CYS A 318 -29.78 13.30 2.68
C CYS A 318 -29.10 13.16 4.02
N PRO A 319 -27.98 12.44 4.07
CA PRO A 319 -27.20 12.43 5.29
C PRO A 319 -26.42 13.75 5.42
N LEU A 320 -26.47 14.36 6.59
CA LEU A 320 -25.75 15.61 6.87
C LEU A 320 -24.45 15.34 7.60
N ALA A 321 -24.41 14.31 8.42
CA ALA A 321 -23.27 13.96 9.25
C ALA A 321 -23.43 12.49 9.66
N TRP A 322 -22.33 11.83 9.99
CA TRP A 322 -22.35 10.41 10.32
C TRP A 322 -21.36 10.13 11.43
N GLY A 323 -21.57 9.02 12.12
CA GLY A 323 -20.68 8.60 13.18
C GLY A 323 -20.93 7.16 13.54
N ASN A 324 -19.87 6.41 13.84
CA ASN A 324 -20.02 5.01 14.22
C ASN A 324 -19.45 4.81 15.61
N ILE A 325 -20.03 3.89 16.40
CA ILE A 325 -19.60 3.62 17.77
C ILE A 325 -19.40 2.11 17.95
N ASN A 326 -18.31 1.68 18.58
CA ASN A 326 -18.13 0.26 18.89
C ASN A 326 -19.02 0.01 20.12
N LEU A 327 -19.91 -1.02 20.04
CA LEU A 327 -20.78 -1.31 21.20
C LEU A 327 -19.97 -1.86 22.39
N PHE A 328 -18.79 -2.45 22.16
CA PHE A 328 -17.90 -2.88 23.24
C PHE A 328 -16.63 -2.04 23.13
N ASP A 329 -16.06 -1.63 24.27
CA ASP A 329 -14.82 -0.83 24.26
C ASP A 329 -13.58 -1.78 24.14
N TYR A 330 -12.35 -1.25 24.16
CA TYR A 330 -11.14 -2.07 23.98
C TYR A 330 -10.94 -3.10 25.10
N THR A 331 -11.52 -2.85 26.29
CA THR A 331 -11.41 -3.77 27.41
C THR A 331 -12.50 -4.85 27.42
N ASP A 332 -13.32 -4.95 26.34
CA ASP A 332 -14.45 -5.88 26.16
C ASP A 332 -15.71 -5.47 26.97
N THR A 333 -15.78 -4.22 27.46
CA THR A 333 -16.93 -3.73 28.22
C THR A 333 -18.04 -3.25 27.29
N LEU A 334 -19.29 -3.76 27.45
CA LEU A 334 -20.45 -3.29 26.67
C LEU A 334 -20.73 -1.86 27.14
N VAL A 335 -20.88 -0.90 26.21
CA VAL A 335 -21.08 0.49 26.58
C VAL A 335 -22.42 0.73 27.27
N SER A 336 -22.39 1.64 28.24
CA SER A 336 -23.54 1.97 29.05
C SER A 336 -23.48 3.41 29.49
N GLY A 337 -24.64 3.98 29.73
CA GLY A 337 -24.73 5.35 30.21
C GLY A 337 -24.74 6.39 29.12
N LYS A 338 -24.64 7.65 29.51
CA LYS A 338 -24.66 8.76 28.58
C LYS A 338 -23.36 8.89 27.84
N MET A 339 -23.46 9.37 26.60
CA MET A 339 -22.34 9.50 25.70
C MET A 339 -22.63 10.57 24.66
N ALA A 340 -21.64 11.41 24.34
CA ALA A 340 -21.81 12.39 23.28
C ALA A 340 -20.88 12.01 22.15
N LEU A 341 -21.37 12.08 20.92
CA LEU A 341 -20.61 11.71 19.75
C LEU A 341 -20.58 12.87 18.79
N ASN A 342 -19.36 13.36 18.44
CA ASN A 342 -19.23 14.41 17.42
C ASN A 342 -19.14 13.72 16.07
N LEU A 343 -19.96 14.16 15.13
CA LEU A 343 -20.10 13.54 13.84
C LEU A 343 -19.11 14.08 12.79
N TRP A 344 -19.03 13.38 11.64
CA TRP A 344 -18.11 13.70 10.57
C TRP A 344 -18.85 14.15 9.31
N PRO A 345 -18.19 14.92 8.42
CA PRO A 345 -18.82 15.29 7.16
C PRO A 345 -18.97 14.07 6.25
N VAL A 346 -20.05 14.03 5.51
CA VAL A 346 -20.34 12.97 4.58
C VAL A 346 -19.30 12.91 3.46
N PRO A 347 -18.69 11.72 3.24
CA PRO A 347 -17.70 11.61 2.16
C PRO A 347 -18.37 11.69 0.78
N HIS A 348 -17.63 12.23 -0.21
CA HIS A 348 -18.16 12.36 -1.57
C HIS A 348 -18.52 10.96 -2.15
N GLY A 349 -19.70 10.89 -2.78
CA GLY A 349 -20.19 9.65 -3.36
C GLY A 349 -20.62 8.59 -2.36
N LEU A 350 -21.35 9.00 -1.31
CA LEU A 350 -21.82 8.05 -0.33
C LEU A 350 -23.03 7.29 -0.89
N GLU A 351 -24.06 8.03 -1.33
CA GLU A 351 -25.32 7.50 -1.88
C GLU A 351 -26.24 6.88 -0.79
N ASP A 352 -25.67 6.06 0.11
CA ASP A 352 -26.45 5.48 1.20
C ASP A 352 -26.67 6.49 2.36
N LEU A 353 -27.61 6.21 3.27
CA LEU A 353 -27.86 7.11 4.39
C LEU A 353 -26.90 6.87 5.55
N LEU A 354 -26.40 5.65 5.73
CA LEU A 354 -25.42 5.35 6.78
C LEU A 354 -24.04 5.15 6.18
N ASN A 355 -22.96 5.29 6.98
CA ASN A 355 -21.59 5.06 6.51
C ASN A 355 -20.95 3.96 7.39
N PRO A 356 -21.39 2.68 7.29
CA PRO A 356 -20.87 1.65 8.20
C PRO A 356 -19.39 1.31 8.04
N ILE A 357 -18.84 1.44 6.84
CA ILE A 357 -17.42 1.16 6.63
C ILE A 357 -16.53 2.24 7.31
N GLY A 358 -17.05 3.44 7.47
CA GLY A 358 -16.34 4.59 8.01
C GLY A 358 -15.75 4.37 9.37
N VAL A 359 -14.81 5.22 9.71
CA VAL A 359 -14.10 5.15 10.97
C VAL A 359 -15.02 5.23 12.17
N THR A 360 -14.59 4.65 13.27
CA THR A 360 -15.31 4.59 14.52
C THR A 360 -14.81 5.67 15.50
N GLY A 361 -15.72 6.27 16.23
CA GLY A 361 -15.36 7.27 17.23
C GLY A 361 -15.82 8.67 16.95
N SER A 362 -15.63 9.51 17.96
CA SER A 362 -16.01 10.89 17.90
C SER A 362 -15.05 11.76 17.09
N ASN A 363 -15.58 12.77 16.42
CA ASN A 363 -14.80 13.75 15.67
C ASN A 363 -14.03 14.58 16.69
N PRO A 364 -12.70 14.72 16.54
CA PRO A 364 -11.93 15.50 17.52
C PRO A 364 -12.25 16.99 17.47
N ASN A 365 -12.75 17.49 16.32
CA ASN A 365 -13.22 18.87 16.21
C ASN A 365 -14.56 18.90 16.93
N LYS A 366 -14.62 19.42 18.18
CA LYS A 366 -15.87 19.43 18.94
C LYS A 366 -16.89 20.50 18.50
N GLU A 367 -16.55 21.31 17.49
CA GLU A 367 -17.46 22.30 16.96
C GLU A 367 -18.12 21.79 15.69
N THR A 368 -18.74 20.64 15.82
CA THR A 368 -19.40 19.91 14.72
C THR A 368 -20.72 19.33 15.24
N PRO A 369 -21.66 18.87 14.39
CA PRO A 369 -22.88 18.22 14.92
C PRO A 369 -22.56 17.19 16.00
N CYS A 370 -23.17 17.32 17.16
CA CYS A 370 -22.88 16.47 18.30
C CYS A 370 -24.15 15.80 18.79
N LEU A 371 -24.20 14.49 18.72
CA LEU A 371 -25.36 13.73 19.11
C LEU A 371 -25.19 13.15 20.52
N GLU A 372 -26.18 13.35 21.40
CA GLU A 372 -26.13 12.80 22.75
C GLU A 372 -26.99 11.57 22.82
N LEU A 373 -26.41 10.50 23.33
CA LEU A 373 -27.05 9.21 23.37
C LEU A 373 -26.98 8.63 24.77
N GLU A 374 -27.80 7.62 25.03
CA GLU A 374 -27.75 6.92 26.30
C GLU A 374 -27.95 5.44 26.05
N PHE A 375 -27.12 4.64 26.70
CA PHE A 375 -27.19 3.20 26.64
C PHE A 375 -27.66 2.69 28.02
N ASP A 376 -28.22 1.48 28.04
CA ASP A 376 -28.71 0.89 29.28
C ASP A 376 -27.58 0.52 30.21
N TRP A 377 -27.86 0.57 31.53
CA TRP A 377 -26.92 0.18 32.59
C TRP A 377 -27.58 -0.99 33.25
N PHE A 378 -26.92 -2.14 33.25
CA PHE A 378 -27.48 -3.36 33.81
C PHE A 378 -27.00 -3.64 35.22
N SER A 379 -26.96 -2.57 36.04
CA SER A 379 -26.59 -2.61 37.48
C SER A 379 -25.16 -3.12 37.77
N SER A 380 -24.38 -3.38 36.70
CA SER A 380 -23.00 -3.84 36.72
C SER A 380 -22.30 -3.59 35.36
N VAL A 381 -20.95 -3.64 35.36
CA VAL A 381 -20.14 -3.52 34.14
C VAL A 381 -20.32 -4.82 33.37
N VAL A 382 -20.80 -4.75 32.14
CA VAL A 382 -21.03 -5.96 31.35
C VAL A 382 -19.80 -6.26 30.47
N LYS A 383 -19.35 -7.53 30.42
CA LYS A 383 -18.17 -7.89 29.63
C LYS A 383 -18.50 -8.97 28.64
N PHE A 384 -17.79 -9.01 27.51
CA PHE A 384 -17.98 -10.05 26.52
C PHE A 384 -17.37 -11.35 27.13
N PRO A 385 -18.05 -12.51 27.00
CA PRO A 385 -17.52 -13.74 27.60
C PRO A 385 -16.11 -14.14 27.11
N ASP A 386 -15.32 -14.77 28.01
CA ASP A 386 -13.99 -15.31 27.70
C ASP A 386 -14.08 -16.45 26.67
N MET A 387 -12.98 -16.75 25.96
CA MET A 387 -12.98 -17.81 24.96
C MET A 387 -13.39 -19.18 25.53
N SER A 388 -13.01 -19.48 26.80
CA SER A 388 -13.41 -20.73 27.45
C SER A 388 -14.93 -20.83 27.64
N VAL A 389 -15.58 -19.72 28.02
CA VAL A 389 -17.02 -19.67 28.19
C VAL A 389 -17.73 -19.89 26.85
N ILE A 390 -17.19 -19.27 25.78
CA ILE A 390 -17.73 -19.39 24.43
C ILE A 390 -17.60 -20.84 23.94
N GLU A 391 -16.47 -21.49 24.26
CA GLU A 391 -16.16 -22.88 23.93
C GLU A 391 -17.20 -23.81 24.57
N GLU A 392 -17.56 -23.56 25.84
CA GLU A 392 -18.57 -24.36 26.54
C GLU A 392 -19.93 -24.27 25.84
N HIS A 393 -20.31 -23.06 25.38
CA HIS A 393 -21.59 -22.83 24.69
C HIS A 393 -21.59 -23.44 23.28
N ALA A 394 -20.43 -23.50 22.62
CA ALA A 394 -20.32 -24.11 21.30
C ALA A 394 -20.58 -25.62 21.40
N ASN A 395 -20.08 -26.26 22.47
CA ASN A 395 -20.30 -27.68 22.75
C ASN A 395 -21.80 -27.93 23.04
N TRP A 396 -22.37 -27.10 23.93
CA TRP A 396 -23.79 -27.15 24.30
C TRP A 396 -24.74 -26.87 23.11
N SER A 397 -24.21 -26.27 22.01
CA SER A 397 -24.98 -25.97 20.81
C SER A 397 -25.21 -27.18 19.89
N VAL A 398 -24.88 -28.39 20.35
CA VAL A 398 -25.09 -29.60 19.56
C VAL A 398 -25.59 -30.74 20.45
N ARG A 422 -21.06 -36.60 1.48
CA ARG A 422 -21.28 -37.20 0.16
C ARG A 422 -20.30 -36.65 -0.88
N GLU A 423 -20.05 -37.42 -1.97
CA GLU A 423 -19.14 -37.00 -3.03
C GLU A 423 -19.69 -35.83 -3.85
N ASN A 424 -21.02 -35.72 -3.97
CA ASN A 424 -21.63 -34.59 -4.68
C ASN A 424 -21.42 -33.29 -3.87
N ASP A 425 -21.48 -33.40 -2.52
CA ASP A 425 -21.28 -32.29 -1.60
C ASP A 425 -19.83 -31.81 -1.61
N LYS A 426 -18.87 -32.75 -1.68
CA LYS A 426 -17.45 -32.41 -1.70
C LYS A 426 -17.07 -31.64 -2.95
N GLU A 427 -17.70 -31.97 -4.10
CA GLU A 427 -17.45 -31.29 -5.37
C GLU A 427 -18.10 -29.91 -5.39
N GLN A 428 -19.28 -29.78 -4.75
CA GLN A 428 -19.97 -28.49 -4.68
C GLN A 428 -19.22 -27.52 -3.75
N LEU A 429 -18.63 -28.04 -2.66
CA LEU A 429 -17.84 -27.22 -1.73
C LEU A 429 -16.54 -26.76 -2.40
N LYS A 430 -15.95 -27.61 -3.24
CA LYS A 430 -14.71 -27.27 -3.94
C LYS A 430 -14.98 -26.18 -4.99
N ALA A 431 -16.15 -26.19 -5.64
CA ALA A 431 -16.49 -25.19 -6.65
C ALA A 431 -16.78 -23.83 -6.03
N ILE A 432 -17.49 -23.81 -4.89
CA ILE A 432 -17.81 -22.57 -4.18
C ILE A 432 -16.51 -21.89 -3.73
N SER A 433 -15.59 -22.70 -3.17
CA SER A 433 -14.28 -22.29 -2.70
C SER A 433 -13.45 -21.57 -3.77
N THR A 434 -13.60 -21.95 -5.04
CA THR A 434 -12.81 -21.35 -6.12
C THR A 434 -13.39 -20.11 -6.76
N ARG A 435 -14.47 -19.56 -6.21
CA ARG A 435 -15.05 -18.33 -6.74
C ARG A 435 -14.30 -17.11 -6.14
N ASP A 436 -14.15 -16.04 -6.93
CA ASP A 436 -13.44 -14.83 -6.52
C ASP A 436 -14.14 -14.10 -5.34
N PRO A 437 -13.42 -13.24 -4.60
CA PRO A 437 -14.04 -12.56 -3.45
C PRO A 437 -15.31 -11.75 -3.73
N LEU A 438 -15.51 -11.31 -4.98
CA LEU A 438 -16.70 -10.54 -5.29
C LEU A 438 -17.85 -11.34 -5.89
N SER A 439 -17.65 -12.65 -6.13
CA SER A 439 -18.72 -13.51 -6.63
C SER A 439 -19.78 -13.64 -5.54
N GLU A 440 -21.07 -13.49 -5.92
CA GLU A 440 -22.19 -13.53 -4.99
C GLU A 440 -22.47 -14.92 -4.45
N ILE A 441 -22.68 -15.02 -3.14
CA ILE A 441 -22.98 -16.28 -2.47
C ILE A 441 -24.44 -16.26 -1.98
N THR A 442 -25.31 -17.04 -2.68
CA THR A 442 -26.76 -17.16 -2.44
C THR A 442 -27.10 -17.64 -1.02
N GLU A 443 -28.38 -17.49 -0.61
CA GLU A 443 -28.82 -17.94 0.71
C GLU A 443 -28.75 -19.45 0.82
N GLN A 444 -29.02 -20.19 -0.28
CA GLN A 444 -28.94 -21.65 -0.28
C GLN A 444 -27.50 -22.08 -0.06
N GLU A 445 -26.55 -21.41 -0.75
CA GLU A 445 -25.12 -21.70 -0.63
C GLU A 445 -24.60 -21.41 0.76
N LYS A 446 -25.10 -20.33 1.39
CA LYS A 446 -24.70 -19.96 2.75
C LYS A 446 -25.15 -21.03 3.75
N ASP A 447 -26.35 -21.59 3.55
CA ASP A 447 -26.86 -22.66 4.42
C ASP A 447 -26.11 -23.97 4.16
N PHE A 448 -25.76 -24.23 2.89
CA PHE A 448 -24.98 -25.40 2.49
C PHE A 448 -23.58 -25.34 3.13
N LEU A 449 -22.88 -24.20 3.01
CA LEU A 449 -21.55 -24.03 3.59
C LEU A 449 -21.56 -24.15 5.10
N TRP A 450 -22.55 -23.57 5.76
CA TRP A 450 -22.61 -23.63 7.21
C TRP A 450 -22.95 -25.03 7.74
N SER A 451 -23.78 -25.79 7.02
CA SER A 451 -24.12 -27.16 7.45
C SER A 451 -22.91 -28.08 7.34
N HIS A 452 -22.04 -27.86 6.33
CA HIS A 452 -20.83 -28.65 6.15
C HIS A 452 -19.58 -27.99 6.73
N ARG A 453 -19.75 -27.08 7.70
CA ARG A 453 -18.65 -26.33 8.28
C ARG A 453 -17.48 -27.16 8.81
N HIS A 454 -17.74 -28.42 9.21
CA HIS A 454 -16.67 -29.29 9.71
C HIS A 454 -15.84 -29.89 8.58
N TYR A 455 -16.48 -30.19 7.44
CA TYR A 455 -15.78 -30.68 6.27
C TYR A 455 -14.95 -29.54 5.60
N CYS A 456 -15.29 -28.27 5.88
CA CYS A 456 -14.66 -27.08 5.34
C CYS A 456 -13.21 -26.92 5.78
N VAL A 457 -12.87 -27.38 7.00
CA VAL A 457 -11.50 -27.30 7.51
C VAL A 457 -10.46 -28.08 6.60
N THR A 458 -10.97 -28.87 5.64
CA THR A 458 -10.18 -29.66 4.70
C THR A 458 -9.97 -28.93 3.34
N ILE A 459 -10.60 -27.75 3.16
CA ILE A 459 -10.44 -26.86 2.00
C ILE A 459 -10.21 -25.50 2.70
N PRO A 460 -9.03 -25.25 3.29
CA PRO A 460 -8.86 -24.02 4.09
C PRO A 460 -9.11 -22.69 3.35
N GLU A 461 -8.98 -22.69 2.00
CA GLU A 461 -9.26 -21.53 1.14
C GLU A 461 -10.75 -21.13 1.09
N ILE A 462 -11.63 -21.92 1.72
CA ILE A 462 -13.06 -21.61 1.75
C ILE A 462 -13.41 -20.72 2.96
N LEU A 463 -12.48 -20.52 3.91
CA LEU A 463 -12.73 -19.73 5.12
C LEU A 463 -13.45 -18.38 4.85
N PRO A 464 -13.03 -17.53 3.89
CA PRO A 464 -13.79 -16.29 3.62
C PRO A 464 -15.26 -16.53 3.26
N LYS A 465 -15.57 -17.55 2.44
CA LYS A 465 -16.95 -17.85 2.06
C LYS A 465 -17.73 -18.38 3.27
N LEU A 466 -17.10 -19.22 4.09
CA LEU A 466 -17.74 -19.79 5.25
C LEU A 466 -18.04 -18.71 6.30
N LEU A 467 -17.13 -17.73 6.49
CA LEU A 467 -17.34 -16.65 7.47
C LEU A 467 -18.53 -15.77 7.09
N LEU A 468 -18.79 -15.60 5.79
CA LEU A 468 -19.93 -14.81 5.33
C LEU A 468 -21.29 -15.57 5.38
N SER A 469 -21.25 -16.86 5.72
CA SER A 469 -22.40 -17.75 5.86
C SER A 469 -22.90 -17.76 7.31
N VAL A 470 -22.02 -17.47 8.27
CA VAL A 470 -22.32 -17.36 9.69
C VAL A 470 -23.38 -16.27 9.92
N LYS A 471 -24.30 -16.55 10.85
CA LYS A 471 -25.27 -15.57 11.26
C LYS A 471 -24.55 -14.94 12.44
N TRP A 472 -23.97 -13.76 12.23
CA TRP A 472 -23.21 -13.06 13.25
C TRP A 472 -24.08 -12.52 14.38
N ASN A 473 -25.39 -12.34 14.10
CA ASN A 473 -26.40 -11.92 15.08
C ASN A 473 -26.94 -13.14 15.89
N SER A 474 -26.27 -14.31 15.83
CA SER A 474 -26.63 -15.52 16.55
C SER A 474 -25.40 -16.03 17.27
N ARG A 475 -25.34 -15.88 18.59
CA ARG A 475 -24.19 -16.32 19.38
C ARG A 475 -23.94 -17.84 19.34
N ASP A 476 -24.94 -18.62 18.93
CA ASP A 476 -24.82 -20.07 18.85
C ASP A 476 -23.95 -20.42 17.64
N GLU A 477 -24.18 -19.75 16.49
CA GLU A 477 -23.37 -19.98 15.30
C GLU A 477 -21.97 -19.38 15.45
N VAL A 478 -21.88 -18.21 16.08
CA VAL A 478 -20.58 -17.55 16.26
C VAL A 478 -19.68 -18.35 17.19
N ALA A 479 -20.22 -18.89 18.28
CA ALA A 479 -19.43 -19.69 19.22
C ALA A 479 -18.81 -20.90 18.53
N GLN A 480 -19.56 -21.51 17.60
CA GLN A 480 -19.11 -22.66 16.84
C GLN A 480 -18.09 -22.26 15.77
N MET A 481 -18.21 -21.06 15.21
CA MET A 481 -17.26 -20.52 14.22
C MET A 481 -15.93 -20.21 14.89
N TYR A 482 -15.95 -19.77 16.14
CA TYR A 482 -14.75 -19.49 16.90
C TYR A 482 -13.93 -20.76 17.12
N CYS A 483 -14.60 -21.89 17.32
CA CYS A 483 -13.91 -23.16 17.51
C CYS A 483 -13.25 -23.63 16.23
N LEU A 484 -13.93 -23.44 15.09
CA LEU A 484 -13.38 -23.78 13.80
C LEU A 484 -12.19 -22.85 13.46
N VAL A 485 -12.28 -21.57 13.80
CA VAL A 485 -11.22 -20.62 13.49
C VAL A 485 -9.98 -20.93 14.33
N LYS A 486 -10.17 -21.22 15.63
CA LYS A 486 -9.08 -21.56 16.57
C LYS A 486 -8.17 -22.71 16.09
N ASP A 487 -8.71 -23.66 15.30
CA ASP A 487 -7.92 -24.79 14.82
C ASP A 487 -7.87 -24.86 13.28
N TRP A 488 -8.12 -23.74 12.58
CA TRP A 488 -8.09 -23.69 11.11
C TRP A 488 -6.64 -23.75 10.62
N PRO A 489 -6.39 -24.53 9.55
CA PRO A 489 -5.03 -24.59 9.00
C PRO A 489 -4.66 -23.26 8.37
N PRO A 490 -3.39 -22.85 8.52
CA PRO A 490 -2.96 -21.58 7.94
C PRO A 490 -3.14 -21.54 6.42
N ILE A 491 -3.44 -20.36 5.89
CA ILE A 491 -3.60 -20.15 4.45
C ILE A 491 -2.54 -19.15 3.92
N LYS A 492 -2.31 -19.14 2.59
CA LYS A 492 -1.32 -18.27 1.96
C LYS A 492 -1.60 -16.79 2.28
N PRO A 493 -0.56 -15.95 2.45
CA PRO A 493 -0.78 -14.55 2.80
C PRO A 493 -1.69 -13.77 1.87
N GLU A 494 -1.62 -14.01 0.55
CA GLU A 494 -2.52 -13.33 -0.41
C GLU A 494 -4.00 -13.71 -0.18
N GLN A 495 -4.25 -14.86 0.45
CA GLN A 495 -5.59 -15.30 0.80
C GLN A 495 -5.97 -14.74 2.18
N ALA A 496 -5.00 -14.68 3.12
CA ALA A 496 -5.22 -14.15 4.47
C ALA A 496 -5.47 -12.63 4.48
N MET A 497 -4.95 -11.90 3.48
CA MET A 497 -5.17 -10.46 3.39
C MET A 497 -6.65 -10.14 3.11
N GLU A 498 -7.38 -11.05 2.45
CA GLU A 498 -8.83 -10.92 2.20
C GLU A 498 -9.56 -10.77 3.54
N LEU A 499 -9.15 -11.53 4.56
CA LEU A 499 -9.73 -11.50 5.90
C LEU A 499 -9.39 -10.27 6.71
N LEU A 500 -8.65 -9.31 6.15
CA LEU A 500 -8.29 -8.07 6.85
C LEU A 500 -9.05 -6.85 6.33
N ASP A 501 -9.85 -7.04 5.26
CA ASP A 501 -10.66 -5.97 4.69
CA ASP A 501 -10.70 -6.03 4.65
C ASP A 501 -11.89 -5.67 5.61
N CYS A 502 -12.73 -4.70 5.22
CA CYS A 502 -13.90 -4.24 5.98
C CYS A 502 -14.99 -5.28 6.19
N ASN A 503 -15.02 -6.34 5.37
CA ASN A 503 -16.00 -7.42 5.51
C ASN A 503 -15.74 -8.31 6.70
N TYR A 504 -14.52 -8.31 7.27
CA TYR A 504 -14.21 -9.20 8.36
C TYR A 504 -13.76 -8.45 9.58
N PRO A 505 -14.70 -7.86 10.34
CA PRO A 505 -14.30 -7.09 11.55
C PRO A 505 -14.02 -7.93 12.78
N ASP A 506 -14.41 -9.22 12.77
CA ASP A 506 -14.25 -10.08 13.93
C ASP A 506 -12.78 -10.25 14.35
N PRO A 507 -12.47 -9.98 15.62
CA PRO A 507 -11.07 -10.06 16.07
C PRO A 507 -10.42 -11.44 15.98
N MET A 508 -11.21 -12.51 16.08
CA MET A 508 -10.68 -13.88 15.94
C MET A 508 -10.32 -14.11 14.48
N VAL A 509 -11.16 -13.65 13.55
CA VAL A 509 -10.90 -13.79 12.13
C VAL A 509 -9.67 -12.97 11.72
N ARG A 510 -9.53 -11.77 12.29
CA ARG A 510 -8.40 -10.90 11.99
C ARG A 510 -7.13 -11.44 12.60
N GLY A 511 -7.20 -12.00 13.79
CA GLY A 511 -6.07 -12.61 14.48
C GLY A 511 -5.51 -13.81 13.75
N PHE A 512 -6.38 -14.62 13.15
CA PHE A 512 -5.95 -15.75 12.36
C PHE A 512 -5.20 -15.25 11.12
N ALA A 513 -5.74 -14.21 10.45
CA ALA A 513 -5.15 -13.63 9.26
C ALA A 513 -3.78 -13.05 9.56
N VAL A 514 -3.61 -12.41 10.74
CA VAL A 514 -2.33 -11.83 11.09
C VAL A 514 -1.31 -12.92 11.38
N ARG A 515 -1.73 -13.99 12.08
CA ARG A 515 -0.84 -15.13 12.34
C ARG A 515 -0.37 -15.79 11.03
N CYS A 516 -1.25 -15.88 10.00
CA CYS A 516 -0.85 -16.39 8.67
C CYS A 516 0.21 -15.50 8.03
N LEU A 517 0.16 -14.17 8.30
CA LEU A 517 1.11 -13.22 7.75
C LEU A 517 2.42 -13.34 8.49
N GLU A 518 2.40 -13.50 9.82
CA GLU A 518 3.66 -13.65 10.57
C GLU A 518 4.40 -14.91 10.16
N LYS A 519 3.66 -15.97 9.83
CA LYS A 519 4.23 -17.24 9.45
C LYS A 519 4.75 -17.26 8.02
N TYR A 520 3.96 -16.81 7.05
CA TYR A 520 4.29 -16.93 5.64
C TYR A 520 4.70 -15.66 4.89
N LEU A 521 4.78 -14.49 5.53
CA LEU A 521 5.11 -13.26 4.79
C LEU A 521 6.59 -12.94 4.88
N THR A 522 7.24 -12.87 3.73
CA THR A 522 8.64 -12.46 3.67
C THR A 522 8.69 -10.91 3.75
N ASP A 523 9.85 -10.34 4.07
CA ASP A 523 10.00 -8.92 4.09
C ASP A 523 9.78 -8.29 2.69
N ASP A 524 10.08 -9.04 1.62
CA ASP A 524 9.86 -8.58 0.25
C ASP A 524 8.35 -8.44 -0.01
N LYS A 525 7.57 -9.49 0.30
CA LYS A 525 6.13 -9.46 0.11
C LYS A 525 5.46 -8.45 1.04
N LEU A 526 5.95 -8.31 2.27
CA LEU A 526 5.42 -7.33 3.20
C LEU A 526 5.61 -5.91 2.65
N SER A 527 6.78 -5.60 2.10
CA SER A 527 7.03 -4.31 1.44
C SER A 527 6.14 -4.10 0.23
N GLN A 528 5.92 -5.14 -0.52
CA GLN A 528 5.09 -5.13 -1.69
C GLN A 528 3.64 -4.76 -1.32
N TYR A 529 3.13 -5.33 -0.23
CA TYR A 529 1.75 -5.10 0.20
C TYR A 529 1.60 -4.10 1.32
N LEU A 530 2.62 -3.33 1.64
CA LEU A 530 2.55 -2.35 2.73
C LEU A 530 1.44 -1.31 2.59
N ILE A 531 1.19 -0.75 1.37
CA ILE A 531 0.14 0.27 1.25
C ILE A 531 -1.26 -0.24 1.75
N GLN A 532 -1.63 -1.50 1.41
CA GLN A 532 -2.89 -2.11 1.84
C GLN A 532 -2.89 -2.42 3.31
N LEU A 533 -1.76 -2.86 3.86
CA LEU A 533 -1.73 -3.23 5.27
C LEU A 533 -1.81 -2.02 6.20
N VAL A 534 -1.30 -0.87 5.76
CA VAL A 534 -1.43 0.37 6.51
C VAL A 534 -2.89 0.86 6.37
N GLN A 535 -3.53 0.68 5.21
CA GLN A 535 -4.91 1.11 4.98
C GLN A 535 -5.91 0.31 5.80
N VAL A 536 -5.71 -1.04 5.92
CA VAL A 536 -6.66 -1.85 6.67
C VAL A 536 -6.58 -1.58 8.17
N LEU A 537 -5.59 -0.81 8.64
CA LEU A 537 -5.55 -0.37 10.04
C LEU A 537 -6.77 0.53 10.33
N LYS A 538 -7.32 1.22 9.33
CA LYS A 538 -8.51 2.07 9.51
C LYS A 538 -9.78 1.22 9.80
N TYR A 539 -9.79 -0.07 9.38
CA TYR A 539 -10.88 -1.00 9.63
C TYR A 539 -10.80 -1.69 10.99
N GLU A 540 -9.82 -1.33 11.83
CA GLU A 540 -9.65 -1.94 13.12
C GLU A 540 -10.50 -1.19 14.12
N GLN A 541 -11.15 -1.92 15.03
CA GLN A 541 -12.00 -1.31 16.04
C GLN A 541 -11.19 -0.52 17.06
N TYR A 542 -10.02 -1.03 17.42
CA TYR A 542 -9.23 -0.44 18.50
C TYR A 542 -7.83 -0.04 18.07
N LEU A 543 -7.19 0.83 18.85
CA LEU A 543 -5.82 1.25 18.58
C LEU A 543 -4.87 0.05 18.74
N ASP A 544 -5.03 -0.70 19.82
CA ASP A 544 -4.22 -1.86 20.11
C ASP A 544 -4.86 -3.09 19.48
N ASN A 545 -4.17 -3.67 18.51
CA ASN A 545 -4.63 -4.87 17.83
C ASN A 545 -3.42 -5.68 17.34
N LEU A 546 -3.67 -6.91 16.87
CA LEU A 546 -2.64 -7.81 16.42
C LEU A 546 -1.98 -7.34 15.13
N LEU A 547 -2.73 -6.69 14.21
CA LEU A 547 -2.18 -6.20 12.95
C LEU A 547 -1.18 -5.07 13.19
N VAL A 548 -1.51 -4.11 14.05
CA VAL A 548 -0.62 -2.99 14.32
C VAL A 548 0.68 -3.47 14.97
N ARG A 549 0.59 -4.48 15.85
CA ARG A 549 1.75 -5.07 16.52
C ARG A 549 2.65 -5.79 15.49
N PHE A 550 2.06 -6.49 14.54
CA PHE A 550 2.79 -7.15 13.48
C PHE A 550 3.55 -6.14 12.58
N LEU A 551 2.85 -5.11 12.05
CA LEU A 551 3.49 -4.12 11.19
C LEU A 551 4.54 -3.31 11.95
N LEU A 552 4.26 -2.84 13.15
CA LEU A 552 5.22 -2.04 13.91
C LEU A 552 6.50 -2.83 14.21
N LYS A 553 6.38 -4.14 14.51
CA LYS A 553 7.53 -4.98 14.79
C LYS A 553 8.38 -5.12 13.55
N LYS A 554 7.76 -5.39 12.42
CA LYS A 554 8.45 -5.52 11.16
C LYS A 554 9.13 -4.20 10.75
N ALA A 555 8.51 -3.04 11.06
CA ALA A 555 9.02 -1.68 10.77
C ALA A 555 10.24 -1.34 11.62
N LEU A 556 10.24 -1.81 12.87
CA LEU A 556 11.29 -1.59 13.82
C LEU A 556 12.40 -2.67 13.71
N THR A 557 12.28 -3.68 12.84
CA THR A 557 13.35 -4.66 12.63
C THR A 557 13.89 -4.70 11.16
N ASN A 558 13.38 -3.81 10.30
CA ASN A 558 13.78 -3.72 8.91
C ASN A 558 13.60 -2.27 8.62
N GLN A 559 14.71 -1.53 8.43
CA GLN A 559 14.60 -0.09 8.23
C GLN A 559 14.02 0.30 6.88
N ARG A 560 14.09 -0.58 5.86
CA ARG A 560 13.49 -0.26 4.57
C ARG A 560 11.96 -0.31 4.72
N ILE A 561 11.44 -1.27 5.51
CA ILE A 561 10.03 -1.34 5.82
C ILE A 561 9.65 -0.13 6.69
N GLY A 562 10.45 0.19 7.68
CA GLY A 562 10.19 1.33 8.54
C GLY A 562 10.10 2.65 7.80
N HIS A 563 10.95 2.82 6.78
CA HIS A 563 10.95 4.04 5.98
C HIS A 563 9.59 4.22 5.30
N PHE A 564 9.11 3.22 4.55
CA PHE A 564 7.84 3.35 3.87
C PHE A 564 6.66 3.29 4.83
N PHE A 565 6.78 2.54 5.94
CA PHE A 565 5.76 2.48 6.98
C PHE A 565 5.54 3.88 7.53
N PHE A 566 6.63 4.60 7.84
CA PHE A 566 6.56 5.97 8.31
C PHE A 566 5.87 6.87 7.27
N TRP A 567 6.30 6.79 5.98
CA TRP A 567 5.75 7.69 4.97
C TRP A 567 4.30 7.42 4.62
N HIS A 568 3.84 6.17 4.68
CA HIS A 568 2.44 5.84 4.40
C HIS A 568 1.52 6.39 5.48
N LEU A 569 1.99 6.43 6.75
CA LEU A 569 1.23 6.95 7.87
C LEU A 569 1.25 8.47 7.83
N LYS A 570 2.47 9.10 7.75
CA LYS A 570 2.72 10.54 7.70
C LYS A 570 1.92 11.22 6.58
N SER A 571 1.83 10.60 5.41
CA SER A 571 1.07 11.15 4.29
C SER A 571 -0.43 11.32 4.54
N GLU A 572 -0.99 10.62 5.55
CA GLU A 572 -2.41 10.65 5.91
C GLU A 572 -2.69 11.44 7.20
N MET A 573 -1.70 12.13 7.76
CA MET A 573 -1.90 12.90 8.98
C MET A 573 -2.87 14.10 8.79
N HIS A 574 -3.10 14.53 7.55
CA HIS A 574 -4.07 15.60 7.26
C HIS A 574 -5.53 15.09 7.42
N ASN A 575 -5.73 13.77 7.27
CA ASN A 575 -7.03 13.12 7.35
C ASN A 575 -7.36 12.94 8.80
N LYS A 576 -8.33 13.70 9.32
CA LYS A 576 -8.69 13.66 10.73
C LYS A 576 -9.39 12.39 11.15
N THR A 577 -9.95 11.60 10.19
CA THR A 577 -10.53 10.30 10.57
C THR A 577 -9.45 9.35 11.08
N VAL A 578 -8.17 9.51 10.63
CA VAL A 578 -7.08 8.63 11.03
C VAL A 578 -5.92 9.30 11.75
N SER A 579 -5.87 10.63 11.74
CA SER A 579 -4.75 11.39 12.31
C SER A 579 -4.34 10.97 13.72
N GLN A 580 -5.26 10.70 14.66
CA GLN A 580 -4.85 10.28 16.00
C GLN A 580 -4.30 8.85 16.05
N ARG A 581 -4.91 7.94 15.29
CA ARG A 581 -4.48 6.54 15.27
C ARG A 581 -3.06 6.44 14.72
N PHE A 582 -2.82 7.13 13.59
CA PHE A 582 -1.57 7.19 12.87
C PHE A 582 -0.51 7.99 13.60
N GLY A 583 -0.91 9.03 14.30
CA GLY A 583 0.02 9.85 15.08
C GLY A 583 0.54 9.09 16.28
N LEU A 584 -0.33 8.33 16.96
CA LEU A 584 0.10 7.52 18.11
C LEU A 584 1.01 6.37 17.64
N LEU A 585 0.70 5.82 16.47
CA LEU A 585 1.47 4.74 15.88
C LEU A 585 2.85 5.26 15.45
N LEU A 586 2.91 6.51 14.93
CA LEU A 586 4.14 7.20 14.54
C LEU A 586 4.99 7.54 15.75
N GLU A 587 4.39 7.86 16.91
CA GLU A 587 5.17 8.19 18.10
C GLU A 587 5.95 6.95 18.59
N SER A 588 5.28 5.79 18.64
CA SER A 588 5.94 4.56 19.06
C SER A 588 7.03 4.16 18.05
N TYR A 589 6.79 4.37 16.74
CA TYR A 589 7.79 4.07 15.73
C TYR A 589 9.00 5.00 15.91
N CYS A 590 8.79 6.32 16.04
CA CYS A 590 9.88 7.28 16.16
C CYS A 590 10.68 7.11 17.44
N ARG A 591 10.04 6.66 18.49
CA ARG A 591 10.67 6.43 19.77
C ARG A 591 11.64 5.24 19.71
N ALA A 592 11.41 4.26 18.82
CA ALA A 592 12.25 3.09 18.76
C ALA A 592 13.00 2.86 17.45
N CYS A 593 12.84 3.74 16.43
CA CYS A 593 13.53 3.52 15.15
C CYS A 593 15.03 3.87 15.17
N GLY A 594 15.49 4.58 16.19
CA GLY A 594 16.90 4.91 16.32
C GLY A 594 17.29 6.15 15.59
N MET A 595 18.56 6.25 15.20
CA MET A 595 19.10 7.40 14.49
C MET A 595 18.44 7.65 13.13
N TYR A 596 17.64 6.70 12.61
CA TYR A 596 16.90 6.96 11.37
C TYR A 596 15.90 8.13 11.49
N LEU A 597 15.48 8.47 12.73
CA LEU A 597 14.61 9.59 12.96
C LEU A 597 15.25 10.90 12.53
N LYS A 598 16.59 11.02 12.67
CA LYS A 598 17.34 12.21 12.24
C LYS A 598 17.26 12.35 10.73
N HIS A 599 17.37 11.22 10.00
CA HIS A 599 17.27 11.20 8.55
C HIS A 599 15.87 11.51 8.10
N LEU A 600 14.85 10.98 8.80
CA LEU A 600 13.46 11.23 8.50
C LEU A 600 13.15 12.70 8.69
N ASN A 601 13.70 13.35 9.74
CA ASN A 601 13.50 14.79 9.94
C ASN A 601 14.05 15.63 8.77
N ARG A 602 15.21 15.23 8.22
CA ARG A 602 15.76 15.93 7.06
C ARG A 602 14.88 15.75 5.82
N GLN A 603 14.25 14.58 5.67
CA GLN A 603 13.34 14.30 4.57
C GLN A 603 12.09 15.16 4.74
N VAL A 604 11.55 15.25 5.97
CA VAL A 604 10.36 16.04 6.25
C VAL A 604 10.61 17.52 5.91
N GLU A 605 11.74 18.08 6.38
CA GLU A 605 12.08 19.46 6.12
C GLU A 605 12.27 19.78 4.62
N ALA A 606 12.85 18.85 3.84
CA ALA A 606 13.02 19.08 2.41
C ALA A 606 11.64 19.11 1.73
N MET A 607 10.74 18.22 2.17
CA MET A 607 9.40 18.15 1.61
C MET A 607 8.59 19.40 1.95
N GLU A 608 8.75 19.95 3.19
CA GLU A 608 8.03 21.18 3.55
C GLU A 608 8.49 22.33 2.68
N LYS A 609 9.83 22.48 2.50
CA LYS A 609 10.40 23.53 1.68
C LYS A 609 9.97 23.41 0.22
N LEU A 610 9.81 22.20 -0.32
CA LEU A 610 9.32 22.03 -1.70
C LEU A 610 7.82 22.32 -1.82
N ILE A 611 7.05 22.08 -0.75
CA ILE A 611 5.62 22.37 -0.76
C ILE A 611 5.46 23.89 -0.78
N ASN A 612 6.21 24.62 0.07
CA ASN A 612 6.15 26.09 0.11
C ASN A 612 6.54 26.70 -1.24
N LEU A 613 7.60 26.18 -1.85
CA LEU A 613 8.11 26.65 -3.13
C LEU A 613 7.08 26.47 -4.25
N THR A 614 6.47 25.28 -4.37
CA THR A 614 5.44 24.99 -5.38
C THR A 614 4.12 25.70 -5.12
N ASP A 615 3.88 26.10 -3.86
CA ASP A 615 2.68 26.83 -3.49
C ASP A 615 2.80 28.23 -4.10
N ILE A 616 3.94 28.92 -3.89
CA ILE A 616 4.20 30.25 -4.44
C ILE A 616 4.14 30.21 -5.96
N LEU A 617 4.76 29.19 -6.56
CA LEU A 617 4.76 29.04 -8.01
C LEU A 617 3.37 28.90 -8.60
N LYS A 618 2.51 28.05 -8.01
CA LYS A 618 1.16 27.85 -8.57
C LYS A 618 0.19 29.00 -8.25
N GLN A 619 0.38 29.69 -7.11
CA GLN A 619 -0.53 30.77 -6.70
C GLN A 619 -0.09 32.16 -7.19
N GLU A 620 1.12 32.61 -6.81
CA GLU A 620 1.60 33.92 -7.21
C GLU A 620 2.12 33.98 -8.67
N LYS A 621 3.13 33.16 -9.02
CA LYS A 621 3.71 33.21 -10.37
C LYS A 621 3.16 32.10 -11.26
N LYS A 622 1.84 31.85 -11.16
CA LYS A 622 1.11 30.78 -11.86
C LYS A 622 1.38 30.66 -13.34
N ASP A 623 1.34 31.79 -14.05
CA ASP A 623 1.54 31.77 -15.49
C ASP A 623 2.79 32.53 -15.93
N GLU A 624 3.77 32.77 -15.03
CA GLU A 624 5.03 33.41 -15.42
C GLU A 624 5.84 32.48 -16.36
N THR A 625 6.88 33.02 -17.02
CA THR A 625 7.68 32.18 -17.93
C THR A 625 8.64 31.27 -17.17
N GLN A 626 9.06 30.15 -17.77
CA GLN A 626 9.98 29.22 -17.13
C GLN A 626 11.29 29.89 -16.65
N LYS A 627 11.84 30.83 -17.46
CA LYS A 627 13.04 31.57 -17.09
C LYS A 627 12.82 32.51 -15.88
N VAL A 628 11.65 33.16 -15.78
CA VAL A 628 11.34 34.01 -14.64
C VAL A 628 10.99 33.19 -13.38
N GLN A 629 10.47 31.95 -13.57
CA GLN A 629 10.15 31.01 -12.51
C GLN A 629 11.46 30.44 -11.92
N MET A 630 12.43 30.12 -12.79
CA MET A 630 13.74 29.67 -12.38
C MET A 630 14.53 30.77 -11.65
N LYS A 631 14.34 32.05 -12.02
CA LYS A 631 15.01 33.15 -11.34
C LYS A 631 14.52 33.24 -9.89
N PHE A 632 13.23 32.96 -9.63
CA PHE A 632 12.70 32.95 -8.27
C PHE A 632 13.27 31.75 -7.50
N LEU A 633 13.38 30.60 -8.18
CA LEU A 633 13.91 29.37 -7.62
C LEU A 633 15.37 29.57 -7.16
N VAL A 634 16.24 30.05 -8.05
CA VAL A 634 17.65 30.34 -7.76
C VAL A 634 17.78 31.39 -6.64
N GLU A 635 16.89 32.37 -6.62
CA GLU A 635 16.87 33.41 -5.59
C GLU A 635 16.48 32.82 -4.24
N GLN A 636 15.54 31.87 -4.21
CA GLN A 636 15.12 31.20 -2.99
C GLN A 636 16.16 30.19 -2.49
N MET A 637 16.96 29.62 -3.41
CA MET A 637 18.07 28.71 -3.10
C MET A 637 19.41 29.43 -2.82
N ARG A 638 19.34 30.73 -2.57
CA ARG A 638 20.41 31.59 -2.08
C ARG A 638 20.26 31.68 -0.54
N ARG A 639 19.05 31.39 0.03
CA ARG A 639 18.74 31.42 1.45
C ARG A 639 19.36 30.20 2.13
N PRO A 640 20.06 30.42 3.26
CA PRO A 640 20.73 29.30 3.93
C PRO A 640 19.82 28.15 4.33
N ASP A 641 18.65 28.45 4.90
CA ASP A 641 17.70 27.43 5.32
C ASP A 641 17.22 26.56 4.16
N PHE A 642 17.09 27.12 2.96
CA PHE A 642 16.68 26.35 1.79
C PHE A 642 17.80 25.44 1.26
N MET A 643 19.04 25.97 1.17
CA MET A 643 20.18 25.20 0.71
C MET A 643 20.44 24.00 1.61
N ASP A 644 20.28 24.19 2.93
CA ASP A 644 20.52 23.13 3.91
C ASP A 644 19.44 22.08 3.74
N ALA A 645 18.17 22.50 3.68
CA ALA A 645 17.04 21.62 3.59
C ALA A 645 16.97 20.82 2.33
N LEU A 646 17.38 21.37 1.18
CA LEU A 646 17.26 20.66 -0.08
C LEU A 646 18.51 19.93 -0.56
N GLN A 647 19.52 19.82 0.30
CA GLN A 647 20.76 19.13 -0.05
C GLN A 647 21.21 18.30 1.13
N GLY A 648 21.71 17.10 0.84
CA GLY A 648 22.22 16.24 1.90
C GLY A 648 21.16 15.54 2.73
N PHE A 649 20.28 14.80 2.05
CA PHE A 649 19.23 14.02 2.69
C PHE A 649 18.92 12.80 1.82
N LEU A 650 18.24 11.76 2.37
CA LEU A 650 17.92 10.54 1.62
C LEU A 650 16.63 10.70 0.79
N SER A 651 16.58 10.09 -0.40
CA SER A 651 15.40 10.19 -1.25
C SER A 651 14.23 9.42 -0.63
N PRO A 652 13.08 10.07 -0.34
CA PRO A 652 11.93 9.32 0.20
C PRO A 652 11.41 8.25 -0.76
N LEU A 653 11.70 8.35 -2.05
CA LEU A 653 11.32 7.35 -3.03
C LEU A 653 12.12 6.03 -2.86
N ASN A 654 13.36 6.15 -2.37
CA ASN A 654 14.32 5.06 -2.14
C ASN A 654 15.41 5.55 -1.20
N PRO A 655 15.32 5.23 0.11
CA PRO A 655 16.31 5.77 1.06
C PRO A 655 17.77 5.29 0.87
N ALA A 656 18.01 4.38 -0.08
CA ALA A 656 19.37 3.95 -0.42
C ALA A 656 20.08 5.05 -1.28
N HIS A 657 19.29 5.96 -1.89
CA HIS A 657 19.78 7.01 -2.73
C HIS A 657 19.99 8.27 -1.93
N GLN A 658 21.25 8.70 -1.77
CA GLN A 658 21.56 9.95 -1.09
C GLN A 658 21.40 11.06 -2.11
N LEU A 659 20.81 12.16 -1.68
CA LEU A 659 20.62 13.32 -2.53
C LEU A 659 21.64 14.32 -2.06
N GLY A 660 22.67 14.52 -2.87
CA GLY A 660 23.73 15.45 -2.51
C GLY A 660 23.37 16.88 -2.77
N ASN A 661 24.23 17.55 -3.54
CA ASN A 661 24.00 18.93 -3.92
C ASN A 661 22.97 19.02 -5.05
N LEU A 662 22.11 20.06 -4.99
CA LEU A 662 21.13 20.36 -6.01
C LEU A 662 21.86 20.91 -7.21
N ARG A 663 21.61 20.35 -8.39
CA ARG A 663 22.21 20.77 -9.64
C ARG A 663 21.16 21.66 -10.30
N LEU A 664 20.99 22.89 -9.80
CA LEU A 664 19.99 23.88 -10.26
C LEU A 664 19.96 24.07 -11.79
N GLU A 665 21.11 24.01 -12.44
CA GLU A 665 21.20 24.12 -13.91
C GLU A 665 20.46 22.99 -14.66
N GLU A 666 20.14 21.89 -13.99
CA GLU A 666 19.39 20.79 -14.62
C GLU A 666 17.93 20.66 -14.11
N CYS A 667 17.57 21.50 -13.13
CA CYS A 667 16.25 21.60 -12.54
C CYS A 667 15.41 22.53 -13.39
N ARG A 668 14.11 22.29 -13.43
CA ARG A 668 13.20 23.15 -14.18
C ARG A 668 11.77 23.06 -13.69
N ILE A 669 10.98 24.09 -13.96
CA ILE A 669 9.56 24.05 -13.65
C ILE A 669 8.93 23.50 -14.92
N MET A 670 8.21 22.40 -14.83
CA MET A 670 7.59 21.80 -16.01
C MET A 670 6.33 22.55 -16.43
N SER A 671 6.05 22.50 -17.73
CA SER A 671 4.91 23.17 -18.36
C SER A 671 3.53 22.51 -18.09
N SER A 672 3.58 21.25 -17.62
CA SER A 672 2.44 20.40 -17.32
C SER A 672 1.54 20.96 -16.23
N ALA A 673 0.31 20.42 -16.15
CA ALA A 673 -0.69 20.81 -15.17
C ALA A 673 -0.15 20.74 -13.74
N LYS A 674 -0.47 21.79 -12.95
CA LYS A 674 -0.04 22.00 -11.57
C LYS A 674 1.41 22.49 -11.48
N ARG A 675 2.10 22.65 -12.64
CA ARG A 675 3.50 23.08 -12.79
C ARG A 675 4.46 22.28 -11.85
N PRO A 676 4.65 20.98 -12.15
CA PRO A 676 5.54 20.18 -11.30
C PRO A 676 7.02 20.58 -11.42
N LEU A 677 7.79 20.26 -10.39
CA LEU A 677 9.21 20.58 -10.32
C LEU A 677 10.06 19.42 -10.76
N TRP A 678 10.90 19.58 -11.78
CA TRP A 678 11.78 18.50 -12.20
C TRP A 678 13.09 18.76 -11.51
N LEU A 679 13.41 17.97 -10.47
CA LEU A 679 14.61 18.20 -9.67
C LEU A 679 15.76 17.27 -9.96
N ASN A 680 16.98 17.80 -9.83
CA ASN A 680 18.20 17.04 -10.14
C ASN A 680 19.23 17.25 -9.03
N TRP A 681 19.71 16.16 -8.43
CA TRP A 681 20.72 16.21 -7.38
C TRP A 681 21.91 15.36 -7.77
N GLU A 682 23.11 15.71 -7.28
CA GLU A 682 24.29 14.85 -7.48
C GLU A 682 24.11 13.63 -6.57
N ASN A 683 24.55 12.46 -7.03
CA ASN A 683 24.58 11.27 -6.23
C ASN A 683 25.98 11.35 -5.59
N PRO A 684 26.07 11.56 -4.26
CA PRO A 684 27.39 11.69 -3.64
C PRO A 684 28.13 10.37 -3.38
N ASP A 685 27.62 9.23 -3.90
CA ASP A 685 28.32 7.97 -3.73
C ASP A 685 29.66 8.03 -4.45
N ILE A 686 30.73 7.51 -3.83
CA ILE A 686 32.07 7.52 -4.42
C ILE A 686 32.10 6.87 -5.82
N MET A 687 31.18 5.93 -6.09
CA MET A 687 31.09 5.20 -7.36
C MET A 687 29.82 5.51 -8.15
N SER A 688 29.29 6.73 -7.99
CA SER A 688 28.06 7.19 -8.64
C SER A 688 27.98 6.88 -10.11
N GLU A 689 29.10 6.98 -10.84
CA GLU A 689 29.21 6.74 -12.29
C GLU A 689 28.77 5.35 -12.71
N LEU A 690 28.91 4.34 -11.81
CA LEU A 690 28.53 2.95 -12.10
C LEU A 690 27.04 2.64 -11.92
N LEU A 691 26.23 3.64 -11.52
CA LEU A 691 24.79 3.48 -11.36
C LEU A 691 24.10 4.66 -12.07
N PHE A 692 24.26 5.88 -11.54
CA PHE A 692 23.76 7.14 -12.08
C PHE A 692 24.44 8.29 -11.35
N GLN A 693 25.04 9.21 -12.09
CA GLN A 693 25.76 10.34 -11.49
C GLN A 693 24.80 11.36 -10.86
N ASN A 694 23.56 11.43 -11.36
CA ASN A 694 22.55 12.38 -10.86
C ASN A 694 21.22 11.69 -10.65
N ASN A 695 20.51 12.07 -9.60
CA ASN A 695 19.18 11.52 -9.33
C ASN A 695 18.14 12.55 -9.72
N GLU A 696 17.24 12.18 -10.62
CA GLU A 696 16.18 13.08 -11.02
C GLU A 696 14.83 12.68 -10.45
N ILE A 697 14.15 13.62 -9.79
CA ILE A 697 12.85 13.37 -9.19
C ILE A 697 11.85 14.49 -9.53
N ILE A 698 10.62 14.12 -9.90
CA ILE A 698 9.56 15.10 -10.13
C ILE A 698 8.82 15.28 -8.82
N PHE A 699 8.61 16.52 -8.42
CA PHE A 699 7.84 16.83 -7.22
C PHE A 699 6.55 17.49 -7.72
N LYS A 700 5.39 16.95 -7.33
CA LYS A 700 4.11 17.49 -7.78
C LYS A 700 3.26 17.90 -6.60
N ASN A 701 2.64 19.06 -6.70
CA ASN A 701 1.75 19.59 -5.68
C ASN A 701 0.42 19.85 -6.40
N GLY A 702 -0.62 19.07 -6.07
CA GLY A 702 -1.92 19.23 -6.71
C GLY A 702 -2.59 17.97 -7.21
N ASP A 703 -1.82 16.92 -7.45
CA ASP A 703 -2.35 15.64 -7.93
C ASP A 703 -2.43 14.65 -6.78
N ASP A 704 -3.53 13.86 -6.73
CA ASP A 704 -3.72 12.79 -5.75
C ASP A 704 -2.88 11.69 -6.32
N LEU A 705 -1.70 11.43 -5.70
CA LEU A 705 -0.79 10.43 -6.22
C LEU A 705 -1.09 9.00 -5.75
N ARG A 706 -2.15 8.80 -4.95
CA ARG A 706 -2.57 7.52 -4.42
C ARG A 706 -3.02 6.54 -5.48
N GLN A 707 -3.70 7.05 -6.49
CA GLN A 707 -4.16 6.23 -7.60
C GLN A 707 -2.97 5.75 -8.41
N ASP A 708 -1.96 6.62 -8.59
CA ASP A 708 -0.73 6.29 -9.31
C ASP A 708 0.07 5.28 -8.53
N MET A 709 0.17 5.45 -7.20
CA MET A 709 0.85 4.49 -6.34
C MET A 709 0.23 3.10 -6.45
N LEU A 710 -1.12 3.03 -6.44
CA LEU A 710 -1.80 1.75 -6.50
C LEU A 710 -1.62 1.11 -7.86
N THR A 711 -1.71 1.90 -8.93
CA THR A 711 -1.54 1.36 -10.28
C THR A 711 -0.12 0.86 -10.49
N LEU A 712 0.88 1.61 -10.02
CA LEU A 712 2.28 1.22 -10.11
C LEU A 712 2.61 -0.06 -9.34
N GLN A 713 1.92 -0.29 -8.20
CA GLN A 713 2.08 -1.51 -7.40
C GLN A 713 1.48 -2.68 -8.13
N ILE A 714 0.29 -2.50 -8.73
CA ILE A 714 -0.41 -3.55 -9.48
C ILE A 714 0.41 -4.00 -10.67
N ILE A 715 1.02 -3.04 -11.38
CA ILE A 715 1.87 -3.29 -12.55
C ILE A 715 3.07 -4.17 -12.14
N ARG A 716 3.67 -3.87 -10.96
CA ARG A 716 4.80 -4.60 -10.39
C ARG A 716 4.41 -6.04 -10.08
N ILE A 717 3.23 -6.21 -9.46
CA ILE A 717 2.74 -7.54 -9.14
C ILE A 717 2.44 -8.34 -10.41
N MET A 718 1.82 -7.72 -11.42
CA MET A 718 1.52 -8.36 -12.70
C MET A 718 2.83 -8.83 -13.35
N GLU A 719 3.88 -8.00 -13.32
CA GLU A 719 5.16 -8.37 -13.86
C GLU A 719 5.75 -9.61 -13.17
N ASN A 720 5.65 -9.69 -11.82
CA ASN A 720 6.16 -10.86 -11.10
C ASN A 720 5.39 -12.11 -11.50
N ILE A 721 4.06 -12.00 -11.71
CA ILE A 721 3.21 -13.12 -12.13
C ILE A 721 3.73 -13.66 -13.46
N TRP A 722 3.96 -12.75 -14.41
CA TRP A 722 4.44 -13.09 -15.74
C TRP A 722 5.84 -13.66 -15.68
N GLN A 723 6.78 -12.97 -15.02
CA GLN A 723 8.16 -13.45 -14.91
C GLN A 723 8.24 -14.87 -14.35
N ASN A 724 7.52 -15.17 -13.27
CA ASN A 724 7.53 -16.51 -12.67
C ASN A 724 6.89 -17.60 -13.54
N GLN A 725 5.98 -17.23 -14.45
CA GLN A 725 5.34 -18.20 -15.35
C GLN A 725 6.11 -18.38 -16.69
N GLY A 726 7.32 -17.83 -16.79
CA GLY A 726 8.10 -17.91 -18.01
C GLY A 726 7.71 -16.88 -19.06
N LEU A 727 6.99 -15.83 -18.66
CA LEU A 727 6.58 -14.80 -19.59
C LEU A 727 7.37 -13.53 -19.33
N ASP A 728 8.43 -13.27 -20.12
CA ASP A 728 9.23 -12.07 -19.93
C ASP A 728 8.60 -10.82 -20.53
N LEU A 729 7.54 -10.30 -19.89
CA LEU A 729 6.89 -9.08 -20.34
C LEU A 729 7.42 -7.97 -19.43
N ARG A 730 8.41 -7.22 -19.92
CA ARG A 730 9.09 -6.18 -19.16
C ARG A 730 8.24 -4.92 -18.91
N MET A 731 7.95 -4.66 -17.65
CA MET A 731 7.17 -3.50 -17.25
C MET A 731 8.08 -2.49 -16.56
N LEU A 732 7.57 -1.26 -16.35
CA LEU A 732 8.35 -0.25 -15.67
C LEU A 732 7.55 0.44 -14.57
N PRO A 733 7.39 -0.26 -13.42
CA PRO A 733 6.72 0.37 -12.30
C PRO A 733 7.68 1.30 -11.58
N TYR A 734 7.87 2.52 -12.14
CA TYR A 734 8.75 3.51 -11.54
C TYR A 734 8.19 3.93 -10.18
N GLY A 735 9.02 4.54 -9.34
CA GLY A 735 8.60 4.98 -8.02
C GLY A 735 7.63 6.14 -8.03
N CYS A 736 6.73 6.16 -7.07
CA CYS A 736 5.75 7.22 -6.84
C CYS A 736 5.34 7.14 -5.38
N LEU A 737 5.46 8.25 -4.65
CA LEU A 737 5.14 8.26 -3.24
C LEU A 737 4.33 9.45 -2.89
N SER A 738 3.17 9.22 -2.25
CA SER A 738 2.33 10.27 -1.74
C SER A 738 2.93 10.67 -0.37
N ILE A 739 3.30 11.94 -0.21
CA ILE A 739 3.94 12.58 0.95
C ILE A 739 2.93 13.30 1.89
N GLY A 740 1.74 13.53 1.39
CA GLY A 740 0.70 14.21 2.14
C GLY A 740 -0.52 14.45 1.28
N ASP A 741 -1.28 15.49 1.60
CA ASP A 741 -2.49 15.80 0.84
C ASP A 741 -2.19 16.30 -0.58
N CYS A 742 -2.33 15.40 -1.57
CA CYS A 742 -2.11 15.69 -2.99
C CYS A 742 -0.70 16.21 -3.32
N VAL A 743 0.27 15.90 -2.47
CA VAL A 743 1.68 16.19 -2.67
C VAL A 743 2.44 14.87 -2.81
N GLY A 744 3.55 14.89 -3.53
CA GLY A 744 4.33 13.69 -3.71
C GLY A 744 5.47 13.77 -4.71
N LEU A 745 6.15 12.63 -4.85
CA LEU A 745 7.34 12.43 -5.65
C LEU A 745 7.11 11.37 -6.70
N ILE A 746 7.78 11.53 -7.82
CA ILE A 746 7.69 10.61 -8.95
C ILE A 746 9.13 10.38 -9.43
N GLU A 747 9.49 9.12 -9.65
CA GLU A 747 10.82 8.76 -10.10
C GLU A 747 10.93 9.01 -11.59
N VAL A 748 11.93 9.78 -12.00
CA VAL A 748 12.19 10.03 -13.40
C VAL A 748 12.90 8.83 -14.01
N VAL A 749 12.35 8.25 -15.08
CA VAL A 749 13.02 7.16 -15.79
C VAL A 749 13.98 7.85 -16.76
N ARG A 750 15.30 7.69 -16.56
CA ARG A 750 16.31 8.35 -17.40
C ARG A 750 16.32 7.81 -18.83
N ASN A 751 16.64 8.68 -19.80
CA ASN A 751 16.71 8.35 -21.23
C ASN A 751 15.36 7.89 -21.80
N SER A 752 14.27 8.56 -21.38
CA SER A 752 12.93 8.22 -21.87
C SER A 752 12.28 9.42 -22.56
N HIS A 753 11.37 9.16 -23.49
CA HIS A 753 10.69 10.24 -24.22
C HIS A 753 9.23 9.84 -24.52
N THR A 754 8.28 10.81 -24.52
CA THR A 754 6.88 10.49 -24.88
C THR A 754 6.77 10.21 -26.38
N ILE A 755 5.65 9.57 -26.84
CA ILE A 755 5.45 9.34 -28.28
C ILE A 755 5.28 10.71 -29.00
N MET A 756 4.66 11.70 -28.34
CA MET A 756 4.49 13.04 -28.88
C MET A 756 5.85 13.70 -29.14
N GLN A 757 6.81 13.51 -28.21
CA GLN A 757 8.17 14.04 -28.37
C GLN A 757 8.93 13.32 -29.46
N ILE A 758 8.67 12.03 -29.66
CA ILE A 758 9.30 11.26 -30.75
C ILE A 758 8.74 11.76 -32.10
N GLN A 759 7.45 12.09 -32.17
CA GLN A 759 6.82 12.62 -33.39
C GLN A 759 7.28 14.05 -33.68
N CYS A 760 7.50 14.85 -32.61
CA CYS A 760 7.98 16.24 -32.72
C CYS A 760 9.52 16.35 -32.76
N LYS A 761 10.17 15.29 -33.25
CA LYS A 761 11.62 15.16 -33.46
C LYS A 761 11.81 14.78 -34.93
N GLY A 762 11.01 13.82 -35.42
CA GLY A 762 10.97 13.44 -36.82
C GLY A 762 10.28 14.51 -37.66
N GLY A 763 9.38 15.27 -37.04
CA GLY A 763 8.67 16.39 -37.65
C GLY A 763 9.48 17.67 -37.56
N LEU A 764 9.34 18.54 -38.56
CA LEU A 764 10.14 19.77 -38.63
C LEU A 764 9.36 21.06 -38.31
N LYS A 765 10.06 22.22 -38.20
CA LYS A 765 9.45 23.53 -37.91
C LYS A 765 8.39 23.88 -38.94
N GLY A 766 7.13 23.95 -38.53
CA GLY A 766 6.04 24.29 -39.44
C GLY A 766 5.31 23.10 -40.03
N ALA A 767 5.98 21.95 -40.13
CA ALA A 767 5.42 20.69 -40.66
C ALA A 767 4.42 20.04 -39.67
N LEU A 768 3.72 18.96 -40.08
CA LEU A 768 2.78 18.28 -39.19
C LEU A 768 3.45 17.60 -38.02
N GLN A 769 2.87 17.80 -36.84
CA GLN A 769 3.28 17.09 -35.63
C GLN A 769 2.32 15.88 -35.50
N PHE A 770 2.08 15.15 -36.62
CA PHE A 770 1.17 14.01 -36.69
C PHE A 770 1.56 13.08 -37.86
N ASN A 771 2.20 11.95 -37.53
CA ASN A 771 2.64 10.94 -38.51
C ASN A 771 2.85 9.58 -37.82
N SER A 772 2.29 8.50 -38.39
CA SER A 772 2.38 7.16 -37.82
C SER A 772 3.67 6.38 -38.13
N HIS A 773 4.56 6.92 -38.97
CA HIS A 773 5.83 6.22 -39.28
C HIS A 773 7.05 6.77 -38.50
N THR A 774 6.85 7.80 -37.67
CA THR A 774 7.94 8.42 -36.91
C THR A 774 8.49 7.55 -35.79
N LEU A 775 7.63 6.91 -35.00
CA LEU A 775 8.05 6.07 -33.87
C LEU A 775 9.07 4.98 -34.25
N HIS A 776 8.76 4.19 -35.29
CA HIS A 776 9.67 3.12 -35.74
C HIS A 776 10.99 3.68 -36.26
N GLN A 777 10.95 4.87 -36.88
CA GLN A 777 12.15 5.51 -37.39
C GLN A 777 13.08 5.94 -36.25
N TRP A 778 12.53 6.56 -35.19
CA TRP A 778 13.31 6.99 -34.02
C TRP A 778 13.95 5.81 -33.28
N LEU A 779 13.30 4.64 -33.32
CA LEU A 779 13.84 3.43 -32.70
C LEU A 779 15.02 2.88 -33.50
N LYS A 780 14.95 2.97 -34.84
CA LYS A 780 16.01 2.50 -35.73
C LYS A 780 17.25 3.38 -35.59
N ASP A 781 17.06 4.71 -35.42
CA ASP A 781 18.18 5.64 -35.25
C ASP A 781 18.91 5.38 -33.93
N LYS A 782 18.15 5.06 -32.87
CA LYS A 782 18.72 4.78 -31.56
C LYS A 782 19.35 3.38 -31.48
N ASN A 783 18.87 2.41 -32.29
CA ASN A 783 19.41 1.06 -32.28
C ASN A 783 19.80 0.55 -33.67
N LYS A 784 21.02 0.86 -34.13
CA LYS A 784 21.48 0.41 -35.43
C LYS A 784 22.36 -0.83 -35.26
N GLY A 785 22.17 -1.83 -36.12
CA GLY A 785 22.98 -3.04 -36.07
C GLY A 785 22.35 -4.25 -35.40
N GLU A 786 23.16 -4.99 -34.61
CA GLU A 786 22.70 -6.17 -33.87
C GLU A 786 21.72 -5.79 -32.75
N ILE A 787 21.96 -4.62 -32.12
CA ILE A 787 21.11 -4.09 -31.06
C ILE A 787 19.69 -3.71 -31.53
N TYR A 788 19.42 -3.75 -32.85
CA TYR A 788 18.10 -3.45 -33.41
C TYR A 788 17.14 -4.58 -33.09
N ASP A 789 17.59 -5.84 -33.22
CA ASP A 789 16.76 -7.01 -32.96
C ASP A 789 16.30 -7.06 -31.50
N ALA A 790 17.22 -6.73 -30.58
CA ALA A 790 16.94 -6.71 -29.15
C ALA A 790 15.91 -5.62 -28.78
N ALA A 791 16.04 -4.44 -29.38
CA ALA A 791 15.15 -3.33 -29.13
C ALA A 791 13.72 -3.61 -29.62
N ILE A 792 13.58 -4.25 -30.79
CA ILE A 792 12.27 -4.59 -31.34
C ILE A 792 11.56 -5.64 -30.47
N ASP A 793 12.34 -6.58 -29.92
CA ASP A 793 11.83 -7.63 -29.06
C ASP A 793 11.42 -7.03 -27.70
N LEU A 794 12.25 -6.13 -27.15
CA LEU A 794 11.92 -5.47 -25.89
C LEU A 794 10.67 -4.61 -26.04
N PHE A 795 10.55 -3.90 -27.17
CA PHE A 795 9.38 -3.07 -27.46
C PHE A 795 8.11 -3.90 -27.53
N THR A 796 8.18 -5.05 -28.21
CA THR A 796 7.06 -5.96 -28.38
C THR A 796 6.59 -6.52 -27.03
N ARG A 797 7.54 -7.01 -26.21
CA ARG A 797 7.27 -7.58 -24.89
C ARG A 797 6.66 -6.52 -23.94
N SER A 798 7.23 -5.31 -23.90
CA SER A 798 6.72 -4.26 -23.02
C SER A 798 5.40 -3.70 -23.49
N CYS A 799 5.21 -3.63 -24.81
CA CYS A 799 3.96 -3.17 -25.40
C CYS A 799 2.83 -4.16 -25.09
N ALA A 800 3.15 -5.47 -25.10
CA ALA A 800 2.22 -6.52 -24.78
C ALA A 800 1.78 -6.42 -23.32
N GLY A 801 2.73 -6.19 -22.42
CA GLY A 801 2.43 -6.08 -21.00
C GLY A 801 1.55 -4.91 -20.66
N TYR A 802 1.83 -3.74 -21.25
CA TYR A 802 1.04 -2.55 -20.98
C TYR A 802 -0.33 -2.57 -21.65
N CYS A 803 -0.47 -3.29 -22.79
CA CYS A 803 -1.76 -3.40 -23.48
C CYS A 803 -2.71 -4.22 -22.59
N VAL A 804 -2.21 -5.35 -22.08
CA VAL A 804 -2.98 -6.20 -21.18
C VAL A 804 -3.28 -5.48 -19.86
N ALA A 805 -2.25 -4.88 -19.24
CA ALA A 805 -2.44 -4.19 -17.97
C ALA A 805 -3.46 -3.05 -18.03
N THR A 806 -3.29 -2.09 -18.96
CA THR A 806 -4.20 -0.95 -19.07
C THR A 806 -5.65 -1.40 -19.39
N PHE A 807 -5.79 -2.52 -20.11
CA PHE A 807 -7.10 -3.06 -20.43
C PHE A 807 -7.79 -3.63 -19.18
N ILE A 808 -7.12 -4.53 -18.44
CA ILE A 808 -7.68 -5.17 -17.25
C ILE A 808 -8.07 -4.13 -16.19
N LEU A 809 -7.19 -3.16 -15.98
CA LEU A 809 -7.42 -2.12 -14.99
C LEU A 809 -8.29 -0.97 -15.46
N GLY A 810 -8.56 -0.87 -16.75
CA GLY A 810 -9.39 0.18 -17.30
C GLY A 810 -8.75 1.54 -17.14
N ILE A 811 -7.48 1.69 -17.60
CA ILE A 811 -6.77 2.96 -17.49
C ILE A 811 -7.16 3.91 -18.64
N GLY A 812 -7.41 5.15 -18.28
CA GLY A 812 -7.83 6.15 -19.26
C GLY A 812 -6.76 7.18 -19.58
N ASP A 813 -7.05 8.00 -20.60
CA ASP A 813 -6.20 9.08 -21.13
C ASP A 813 -4.92 8.51 -21.74
N ARG A 814 -5.05 7.46 -22.55
CA ARG A 814 -3.88 6.81 -23.13
C ARG A 814 -3.36 7.48 -24.42
N HIS A 815 -3.28 8.83 -24.41
CA HIS A 815 -2.73 9.60 -25.52
C HIS A 815 -1.20 9.51 -25.58
N ASN A 816 -0.59 9.96 -26.69
CA ASN A 816 0.85 9.93 -26.97
C ASN A 816 1.75 10.75 -26.02
N SER A 817 1.16 11.54 -25.12
CA SER A 817 1.94 12.29 -24.14
C SER A 817 2.01 11.57 -22.75
N ASN A 818 1.25 10.46 -22.60
CA ASN A 818 1.18 9.58 -21.42
C ASN A 818 1.80 8.19 -21.69
N ILE A 819 2.25 7.93 -22.93
CA ILE A 819 2.92 6.70 -23.33
C ILE A 819 4.37 7.09 -23.66
N MET A 820 5.34 6.42 -23.04
CA MET A 820 6.76 6.73 -23.20
C MET A 820 7.60 5.55 -23.72
N VAL A 821 8.79 5.85 -24.24
CA VAL A 821 9.72 4.85 -24.77
C VAL A 821 11.14 5.20 -24.37
N LYS A 822 11.92 4.18 -24.08
CA LYS A 822 13.32 4.34 -23.73
C LYS A 822 14.18 4.00 -24.96
N ASP A 823 15.44 4.48 -24.94
CA ASP A 823 16.43 4.24 -25.98
C ASP A 823 16.61 2.74 -26.30
N ASP A 824 16.49 1.86 -25.29
CA ASP A 824 16.64 0.41 -25.49
C ASP A 824 15.40 -0.29 -26.13
N GLY A 825 14.32 0.46 -26.34
CA GLY A 825 13.10 -0.08 -26.92
C GLY A 825 11.96 -0.24 -25.92
N GLN A 826 12.25 -0.13 -24.62
CA GLN A 826 11.25 -0.33 -23.59
C GLN A 826 10.13 0.72 -23.54
N LEU A 827 8.89 0.25 -23.68
CA LEU A 827 7.71 1.10 -23.64
C LEU A 827 7.02 1.02 -22.28
N PHE A 828 6.51 2.14 -21.81
CA PHE A 828 5.82 2.23 -20.54
C PHE A 828 4.81 3.38 -20.51
N HIS A 829 3.84 3.32 -19.61
CA HIS A 829 2.84 4.37 -19.46
C HIS A 829 3.11 5.20 -18.21
N ILE A 830 2.55 6.42 -18.16
CA ILE A 830 2.64 7.34 -17.02
C ILE A 830 1.25 7.95 -16.74
N ASP A 831 1.07 8.68 -15.62
CA ASP A 831 -0.20 9.35 -15.30
C ASP A 831 -1.40 8.40 -15.22
N PHE A 832 -1.78 8.03 -14.01
CA PHE A 832 -2.85 7.09 -13.80
C PHE A 832 -4.02 7.71 -13.05
N GLY A 833 -4.39 8.92 -13.45
CA GLY A 833 -5.52 9.60 -12.84
C GLY A 833 -6.86 8.92 -13.07
N HIS A 834 -6.91 7.97 -14.00
CA HIS A 834 -8.14 7.26 -14.30
C HIS A 834 -7.95 5.77 -14.33
N PHE A 835 -8.77 5.05 -13.56
CA PHE A 835 -8.82 3.59 -13.57
C PHE A 835 -10.23 3.07 -13.23
N LEU A 836 -10.46 1.77 -13.45
CA LEU A 836 -11.70 1.06 -13.15
C LEU A 836 -12.92 1.56 -13.90
N ASP A 837 -12.72 2.03 -15.14
CA ASP A 837 -13.83 2.51 -15.96
C ASP A 837 -13.44 2.54 -17.44
N PHE A 852 -9.50 -0.66 -23.90
CA PHE A 852 -8.33 -0.93 -24.73
C PHE A 852 -7.84 0.35 -25.43
N VAL A 853 -6.51 0.50 -25.57
CA VAL A 853 -5.91 1.68 -26.22
C VAL A 853 -4.60 1.34 -26.97
N LEU A 854 -4.63 1.37 -28.31
CA LEU A 854 -3.46 1.07 -29.15
C LEU A 854 -3.42 1.96 -30.41
N THR A 855 -2.20 2.25 -30.94
CA THR A 855 -2.06 3.11 -32.11
C THR A 855 -1.43 2.41 -33.32
N GLN A 856 -1.63 2.97 -34.53
CA GLN A 856 -1.05 2.47 -35.77
C GLN A 856 0.48 2.57 -35.73
N ASP A 857 1.02 3.63 -35.09
CA ASP A 857 2.44 3.88 -34.93
C ASP A 857 3.14 2.74 -34.19
N PHE A 858 2.50 2.18 -33.14
CA PHE A 858 3.09 1.10 -32.38
C PHE A 858 3.10 -0.20 -33.18
N LEU A 859 2.05 -0.42 -34.00
CA LEU A 859 1.92 -1.61 -34.85
C LEU A 859 3.04 -1.67 -35.90
N ILE A 860 3.50 -0.49 -36.38
CA ILE A 860 4.58 -0.38 -37.35
C ILE A 860 5.91 -0.87 -36.72
N VAL A 861 6.13 -0.49 -35.45
CA VAL A 861 7.32 -0.91 -34.69
C VAL A 861 7.27 -2.41 -34.43
N ILE A 862 6.12 -2.92 -33.96
CA ILE A 862 5.93 -4.34 -33.65
C ILE A 862 6.17 -5.23 -34.86
N THR A 870 -1.41 -5.43 -41.24
CA THR A 870 -0.26 -5.63 -40.36
C THR A 870 -0.40 -6.95 -39.59
N LYS A 871 0.55 -7.88 -39.80
CA LYS A 871 0.61 -9.19 -39.14
C LYS A 871 1.78 -10.01 -39.70
N THR A 872 2.93 -9.35 -39.95
CA THR A 872 4.10 -10.01 -40.55
C THR A 872 4.92 -10.91 -39.59
N ARG A 873 4.29 -12.01 -39.10
CA ARG A 873 4.83 -13.02 -38.16
C ARG A 873 5.09 -12.45 -36.75
N GLU A 874 5.55 -11.18 -36.68
CA GLU A 874 5.82 -10.45 -35.46
C GLU A 874 4.51 -10.14 -34.72
N PHE A 875 3.40 -9.92 -35.45
CA PHE A 875 2.08 -9.68 -34.85
C PHE A 875 1.48 -10.95 -34.27
N GLU A 876 1.83 -12.11 -34.84
CA GLU A 876 1.38 -13.41 -34.35
C GLU A 876 2.08 -13.72 -33.01
N ARG A 877 3.39 -13.43 -32.91
CA ARG A 877 4.19 -13.63 -31.70
C ARG A 877 3.71 -12.68 -30.60
N PHE A 878 3.39 -11.44 -30.96
CA PHE A 878 2.87 -10.43 -30.04
C PHE A 878 1.47 -10.81 -29.54
N GLN A 879 0.65 -11.39 -30.42
CA GLN A 879 -0.70 -11.82 -30.07
C GLN A 879 -0.65 -12.94 -29.04
N GLU A 880 0.27 -13.91 -29.22
CA GLU A 880 0.43 -15.04 -28.30
C GLU A 880 0.86 -14.55 -26.92
N MET A 881 1.74 -13.54 -26.88
CA MET A 881 2.23 -12.92 -25.65
C MET A 881 1.05 -12.33 -24.87
N CYS A 882 0.19 -11.57 -25.55
CA CYS A 882 -0.97 -10.95 -24.94
C CYS A 882 -1.94 -11.98 -24.39
N TYR A 883 -2.19 -13.06 -25.14
CA TYR A 883 -3.10 -14.12 -24.70
C TYR A 883 -2.60 -14.76 -23.41
N LYS A 884 -1.32 -15.15 -23.36
CA LYS A 884 -0.73 -15.77 -22.18
C LYS A 884 -0.69 -14.81 -20.99
N ALA A 885 -0.37 -13.52 -21.24
CA ALA A 885 -0.32 -12.52 -20.18
C ALA A 885 -1.71 -12.31 -19.58
N TYR A 886 -2.75 -12.30 -20.43
CA TYR A 886 -4.12 -12.12 -19.99
C TYR A 886 -4.60 -13.27 -19.11
N LEU A 887 -4.28 -14.50 -19.50
CA LEU A 887 -4.70 -15.68 -18.74
C LEU A 887 -3.95 -15.80 -17.42
N ALA A 888 -2.66 -15.41 -17.40
CA ALA A 888 -1.87 -15.46 -16.17
C ALA A 888 -2.44 -14.54 -15.10
N ILE A 889 -2.92 -13.35 -15.50
CA ILE A 889 -3.53 -12.41 -14.55
C ILE A 889 -4.90 -12.92 -14.10
N ARG A 890 -5.64 -13.56 -15.01
CA ARG A 890 -6.94 -14.12 -14.70
C ARG A 890 -6.83 -15.19 -13.62
N GLN A 891 -5.74 -15.98 -13.62
CA GLN A 891 -5.53 -17.01 -12.61
C GLN A 891 -5.22 -16.44 -11.22
N HIS A 892 -4.76 -15.18 -11.15
CA HIS A 892 -4.47 -14.51 -9.90
C HIS A 892 -5.47 -13.41 -9.55
N ALA A 893 -6.66 -13.44 -10.17
CA ALA A 893 -7.73 -12.47 -9.99
C ALA A 893 -8.09 -12.21 -8.55
N ASN A 894 -8.14 -13.24 -7.69
CA ASN A 894 -8.48 -13.05 -6.29
C ASN A 894 -7.54 -12.11 -5.57
N LEU A 895 -6.23 -12.15 -5.88
CA LEU A 895 -5.24 -11.24 -5.31
C LEU A 895 -5.52 -9.79 -5.74
N PHE A 896 -5.74 -9.56 -7.03
CA PHE A 896 -6.02 -8.22 -7.54
C PHE A 896 -7.30 -7.66 -6.96
N ILE A 897 -8.37 -8.47 -6.92
CA ILE A 897 -9.65 -8.04 -6.32
C ILE A 897 -9.44 -7.64 -4.85
N ASN A 898 -8.66 -8.44 -4.10
CA ASN A 898 -8.33 -8.21 -2.69
C ASN A 898 -7.52 -6.95 -2.45
N LEU A 899 -6.56 -6.64 -3.33
CA LEU A 899 -5.75 -5.45 -3.19
C LEU A 899 -6.60 -4.19 -3.36
N PHE A 900 -7.57 -4.22 -4.26
CA PHE A 900 -8.47 -3.08 -4.47
C PHE A 900 -9.47 -2.98 -3.31
N SER A 901 -10.03 -4.11 -2.90
CA SER A 901 -10.96 -4.23 -1.79
C SER A 901 -10.40 -3.69 -0.45
N MET A 902 -9.09 -3.85 -0.25
CA MET A 902 -8.44 -3.37 0.95
C MET A 902 -8.29 -1.84 0.97
N MET A 903 -8.22 -1.23 -0.23
CA MET A 903 -8.11 0.22 -0.46
C MET A 903 -9.46 0.94 -0.43
N LEU A 904 -10.58 0.22 -0.33
CA LEU A 904 -11.94 0.74 -0.34
C LEU A 904 -12.18 1.92 0.60
N GLY A 905 -11.49 1.93 1.73
CA GLY A 905 -11.64 2.99 2.73
C GLY A 905 -10.60 4.10 2.70
N SER A 906 -9.92 4.31 1.53
CA SER A 906 -8.92 5.36 1.36
C SER A 906 -9.54 6.70 0.98
N GLY A 907 -10.62 6.65 0.22
CA GLY A 907 -11.28 7.85 -0.25
C GLY A 907 -10.88 8.19 -1.67
N MET A 908 -10.41 7.19 -2.43
CA MET A 908 -10.02 7.43 -3.81
C MET A 908 -11.30 7.54 -4.62
N PRO A 909 -11.48 8.64 -5.35
CA PRO A 909 -12.74 8.83 -6.10
C PRO A 909 -13.13 7.67 -7.02
N GLU A 910 -12.14 7.00 -7.64
CA GLU A 910 -12.40 5.90 -8.56
C GLU A 910 -12.59 4.53 -7.87
N LEU A 911 -12.54 4.48 -6.53
CA LEU A 911 -12.66 3.26 -5.75
C LEU A 911 -13.43 3.57 -4.49
N GLN A 912 -14.76 3.59 -4.59
CA GLN A 912 -15.63 3.95 -3.46
C GLN A 912 -16.52 2.79 -2.96
N SER A 913 -16.68 1.73 -3.77
CA SER A 913 -17.49 0.58 -3.39
C SER A 913 -17.03 -0.68 -4.14
N PHE A 914 -17.54 -1.86 -3.74
CA PHE A 914 -17.24 -3.13 -4.41
C PHE A 914 -17.72 -3.16 -5.87
N ASP A 915 -18.66 -2.26 -6.25
CA ASP A 915 -19.13 -2.18 -7.63
C ASP A 915 -18.06 -1.57 -8.57
N ASP A 916 -17.15 -0.75 -8.02
CA ASP A 916 -16.05 -0.19 -8.80
C ASP A 916 -15.06 -1.28 -9.15
N ILE A 917 -14.76 -2.17 -8.18
CA ILE A 917 -13.86 -3.32 -8.34
C ILE A 917 -14.46 -4.36 -9.31
N ALA A 918 -15.80 -4.44 -9.39
CA ALA A 918 -16.48 -5.32 -10.31
C ALA A 918 -16.08 -5.05 -11.77
N TYR A 919 -15.43 -3.90 -12.08
CA TYR A 919 -14.94 -3.63 -13.43
C TYR A 919 -13.84 -4.65 -13.80
N ILE A 920 -13.01 -5.06 -12.81
CA ILE A 920 -11.95 -6.06 -13.01
C ILE A 920 -12.56 -7.44 -13.26
N ARG A 921 -13.68 -7.76 -12.61
CA ARG A 921 -14.39 -9.02 -12.83
C ARG A 921 -14.88 -9.14 -14.28
N LYS A 922 -15.27 -8.00 -14.89
CA LYS A 922 -15.73 -7.92 -16.27
C LYS A 922 -14.57 -8.11 -17.25
N THR A 923 -13.50 -7.30 -17.13
CA THR A 923 -12.34 -7.44 -18.02
C THR A 923 -11.67 -8.79 -17.87
N LEU A 924 -11.61 -9.32 -16.65
CA LEU A 924 -11.06 -10.66 -16.43
C LEU A 924 -12.06 -11.78 -16.76
N ALA A 925 -13.33 -11.43 -17.06
CA ALA A 925 -14.41 -12.34 -17.44
C ALA A 925 -14.48 -13.55 -16.52
N LEU A 926 -14.52 -13.29 -15.21
CA LEU A 926 -14.59 -14.33 -14.20
C LEU A 926 -15.92 -15.15 -14.26
N ASP A 927 -16.98 -14.56 -14.86
CA ASP A 927 -18.28 -15.22 -15.06
C ASP A 927 -18.31 -16.12 -16.33
N LYS A 928 -17.15 -16.41 -16.92
CA LYS A 928 -17.01 -17.25 -18.09
C LYS A 928 -16.01 -18.40 -17.78
N THR A 929 -15.72 -19.24 -18.77
CA THR A 929 -14.74 -20.31 -18.62
C THR A 929 -13.37 -19.82 -19.13
N GLU A 930 -12.27 -20.55 -18.87
CA GLU A 930 -10.94 -20.13 -19.34
C GLU A 930 -10.91 -19.85 -20.85
N GLN A 931 -11.50 -20.74 -21.65
CA GLN A 931 -11.54 -20.55 -23.09
C GLN A 931 -12.50 -19.43 -23.49
N GLU A 932 -13.59 -19.24 -22.75
CA GLU A 932 -14.56 -18.18 -23.07
C GLU A 932 -14.02 -16.78 -22.75
N ALA A 933 -13.15 -16.67 -21.74
CA ALA A 933 -12.53 -15.39 -21.38
C ALA A 933 -11.50 -14.97 -22.41
N LEU A 934 -10.74 -15.95 -22.95
CA LEU A 934 -9.73 -15.71 -23.98
C LEU A 934 -10.38 -15.18 -25.24
N GLU A 935 -11.55 -15.73 -25.63
CA GLU A 935 -12.28 -15.27 -26.81
C GLU A 935 -12.84 -13.87 -26.63
N TYR A 936 -13.21 -13.50 -25.39
CA TYR A 936 -13.69 -12.16 -25.04
C TYR A 936 -12.51 -11.19 -25.23
N PHE A 937 -11.33 -11.55 -24.70
CA PHE A 937 -10.11 -10.76 -24.81
C PHE A 937 -9.65 -10.62 -26.26
N MET A 938 -9.79 -11.68 -27.05
CA MET A 938 -9.43 -11.69 -28.47
C MET A 938 -10.36 -10.75 -29.26
N LYS A 939 -11.64 -10.69 -28.90
CA LYS A 939 -12.61 -9.80 -29.53
C LYS A 939 -12.27 -8.34 -29.18
N GLN A 940 -11.83 -8.08 -27.94
CA GLN A 940 -11.45 -6.74 -27.49
C GLN A 940 -10.19 -6.29 -28.21
N MET A 941 -9.22 -7.20 -28.38
CA MET A 941 -7.95 -6.92 -29.07
C MET A 941 -8.18 -6.65 -30.56
N ASN A 942 -9.03 -7.46 -31.21
CA ASN A 942 -9.33 -7.28 -32.63
C ASN A 942 -10.13 -5.99 -32.88
N ASP A 943 -10.94 -5.53 -31.90
CA ASP A 943 -11.72 -4.32 -32.03
C ASP A 943 -10.84 -3.07 -32.01
C22 VY1 B . 3.19 11.05 -13.98
C27 VY1 B . 3.08 13.40 -13.56
C21 VY1 B . 3.68 12.34 -14.24
C15 VY1 B . 4.78 13.58 -16.08
C20 VY1 B . 4.79 12.56 -15.16
C16 VY1 B . 5.91 13.72 -16.93
C18 VY1 B . 6.86 11.86 -15.98
C24 VY1 B . 1.62 11.94 -12.54
C14 VY1 B . 3.76 14.62 -16.41
C8 VY1 B . 6.09 16.10 -19.89
C13 VY1 B . 4.36 15.30 -17.67
C7 VY1 B . 7.35 16.32 -20.74
C29 VY1 B . 9.12 11.12 -16.69
C33 VY1 B . 7.98 9.95 -14.85
C11 VY1 B . 7.98 14.88 -18.91
C30 VY1 B . 9.66 9.74 -17.16
C32 VY1 B . 8.59 8.63 -15.40
C9 VY1 B . 6.44 14.84 -19.06
C1 VY1 B . 10.47 12.97 -21.01
N23 VY1 B . 2.17 10.81 -13.14
N26 VY1 B . 2.05 13.25 -12.70
N19 VY1 B . 5.82 11.67 -15.08
N17 VY1 B . 6.97 12.88 -16.92
N12 VY1 B . 5.81 14.88 -17.72
N28 VY1 B . 7.85 10.89 -15.98
N6 VY1 B . 8.48 15.89 -19.88
N25 VY1 B . 0.56 11.74 -11.69
N2 VY1 B . 9.80 14.21 -21.42
O4 VY1 B . 10.96 15.49 -19.63
O5 VY1 B . 10.09 16.65 -21.63
O31 VY1 B . 9.79 8.87 -16.06
S3 VY1 B . 9.96 15.64 -20.62
H48 VY1 B . 3.63 10.16 -14.45
H51 VY1 B . 3.43 14.44 -13.66
H47 VY1 B . 3.64 15.36 -15.59
H46 VY1 B . 2.77 14.19 -16.59
H40 VY1 B . 5.90 16.99 -19.25
H41 VY1 B . 5.18 15.96 -20.51
H45 VY1 B . 4.31 16.41 -17.61
H44 VY1 B . 3.79 15.01 -18.59
H39 VY1 B . 7.47 17.38 -21.03
H38 VY1 B . 7.28 15.76 -21.70
H52 VY1 B . 9.87 11.63 -16.04
H53 VY1 B . 9.00 11.77 -17.59
H59 VY1 B . 8.64 10.37 -14.05
H58 VY1 B . 7.01 9.73 -14.36
H43 VY1 B . 8.42 13.86 -19.07
H42 VY1 B . 8.30 15.18 -17.89
H54 VY1 B . 9.02 9.30 -17.95
H55 VY1 B . 10.68 9.82 -17.56
H57 VY1 B . 7.85 8.10 -16.04
H56 VY1 B . 8.86 7.94 -14.57
H10 VY1 B . 6.13 13.92 -19.62
H36 VY1 B . 9.81 12.08 -21.14
H34 VY1 B . 10.77 12.98 -19.94
H35 VY1 B . 11.39 12.76 -21.60
H49 VY1 B . 0.21 10.82 -11.52
H50 VY1 B . 0.13 12.51 -11.22
H37 VY1 B . 9.37 14.11 -22.33
#